data_3CZC
# 
_entry.id   3CZC 
# 
_audit_conform.dict_name       mmcif_pdbx.dic 
_audit_conform.dict_version    5.397 
_audit_conform.dict_location   http://mmcif.pdb.org/dictionaries/ascii/mmcif_pdbx.dic 
# 
loop_
_database_2.database_id 
_database_2.database_code 
_database_2.pdbx_database_accession 
_database_2.pdbx_DOI 
PDB   3CZC         pdb_00003czc 10.2210/pdb3czc/pdb 
RCSB  RCSB047395   ?            ?                   
WWPDB D_1000047395 ?            ?                   
# 
loop_
_pdbx_audit_revision_history.ordinal 
_pdbx_audit_revision_history.data_content_type 
_pdbx_audit_revision_history.major_revision 
_pdbx_audit_revision_history.minor_revision 
_pdbx_audit_revision_history.revision_date 
1 'Structure model' 1 0 2009-03-10 
2 'Structure model' 1 1 2011-07-13 
3 'Structure model' 1 2 2017-10-25 
4 'Structure model' 1 3 2024-10-30 
# 
_pdbx_audit_revision_details.ordinal             1 
_pdbx_audit_revision_details.revision_ordinal    1 
_pdbx_audit_revision_details.data_content_type   'Structure model' 
_pdbx_audit_revision_details.provider            repository 
_pdbx_audit_revision_details.type                'Initial release' 
_pdbx_audit_revision_details.description         ? 
_pdbx_audit_revision_details.details             ? 
# 
loop_
_pdbx_audit_revision_group.ordinal 
_pdbx_audit_revision_group.revision_ordinal 
_pdbx_audit_revision_group.data_content_type 
_pdbx_audit_revision_group.group 
1 2 'Structure model' 'Version format compliance' 
2 3 'Structure model' 'Refinement description'    
3 4 'Structure model' 'Data collection'           
4 4 'Structure model' 'Database references'       
5 4 'Structure model' 'Derived calculations'      
6 4 'Structure model' 'Structure summary'         
# 
loop_
_pdbx_audit_revision_category.ordinal 
_pdbx_audit_revision_category.revision_ordinal 
_pdbx_audit_revision_category.data_content_type 
_pdbx_audit_revision_category.category 
1 3 'Structure model' software                  
2 4 'Structure model' chem_comp_atom            
3 4 'Structure model' chem_comp_bond            
4 4 'Structure model' database_2                
5 4 'Structure model' pdbx_entry_details        
6 4 'Structure model' pdbx_modification_feature 
7 4 'Structure model' struct_conn               
8 4 'Structure model' struct_ref_seq_dif        
# 
loop_
_pdbx_audit_revision_item.ordinal 
_pdbx_audit_revision_item.revision_ordinal 
_pdbx_audit_revision_item.data_content_type 
_pdbx_audit_revision_item.item 
1 4 'Structure model' '_database_2.pdbx_DOI'                
2 4 'Structure model' '_database_2.pdbx_database_accession' 
3 4 'Structure model' '_struct_conn.pdbx_leaving_atom_flag' 
4 4 'Structure model' '_struct_ref_seq_dif.details'         
# 
_pdbx_database_status.entry_id                        3CZC 
_pdbx_database_status.deposit_site                    RCSB 
_pdbx_database_status.process_site                    PDBJ 
_pdbx_database_status.recvd_initial_deposition_date   2008-04-29 
_pdbx_database_status.status_code                     REL 
_pdbx_database_status.status_code_sf                  REL 
_pdbx_database_status.status_code_mr                  ? 
_pdbx_database_status.SG_entry                        ? 
_pdbx_database_status.pdb_format_compatible           Y 
_pdbx_database_status.status_code_cs                  ? 
_pdbx_database_status.methods_development_category    ? 
_pdbx_database_status.status_code_nmr_data            ? 
# 
loop_
_audit_author.name 
_audit_author.pdbx_ordinal 
'Lei, J.'  1 
'Su, X.D.' 2 
# 
_citation.id                        primary 
_citation.title                     
'Crystal structures of phosphotransferase system enzymes PtxB (IIB(Asc)) and PtxA (IIA(Asc)) from Streptococcus mutans' 
_citation.journal_abbrev            J.Mol.Biol. 
_citation.journal_volume            386 
_citation.page_first                465 
_citation.page_last                 475 
_citation.year                      2009 
_citation.journal_id_ASTM           JMOBAK 
_citation.country                   UK 
_citation.journal_id_ISSN           0022-2836 
_citation.journal_id_CSD            0070 
_citation.book_publisher            ? 
_citation.pdbx_database_id_PubMed   19135450 
_citation.pdbx_database_id_DOI      10.1016/j.jmb.2008.12.046 
# 
loop_
_citation_author.citation_id 
_citation_author.name 
_citation_author.ordinal 
_citation_author.identifier_ORCID 
primary 'Lei, J.'  1 ? 
primary 'Li, L.F.' 2 ? 
primary 'Su, X.D.' 3 ? 
# 
loop_
_entity.id 
_entity.type 
_entity.src_method 
_entity.pdbx_description 
_entity.formula_weight 
_entity.pdbx_number_of_molecules 
_entity.pdbx_ec 
_entity.pdbx_mutation 
_entity.pdbx_fragment 
_entity.details 
1 polymer man RmpB  11908.539 1  2.7.1.69 ? ? ? 
2 water   nat water 18.015    59 ?        ? ? ? 
# 
_entity_name_com.entity_id   1 
_entity_name_com.name        'PTS EII, Putative PTS system, enzyme IIB component' 
# 
_entity_poly.entity_id                      1 
_entity_poly.type                           'polypeptide(L)' 
_entity_poly.nstd_linkage                   no 
_entity_poly.nstd_monomer                   yes 
_entity_poly.pdbx_seq_one_letter_code       
;GSH(MSE)AS(MSE)TGGQQ(MSE)GRGSMVKVLTACGNG(MSE)GSS(MSE)VIK(MSE)KVENALRQLGVSDIESASC
SVGEAKGLASNYDIVVASNHLIHELDGRTNGKLIGLDNL(MSE)DDNEIKTKLEEALK
;
_entity_poly.pdbx_seq_one_letter_code_can   
;GSHMASMTGGQQMGRGSMVKVLTACGNGMGSSMVIKMKVENALRQLGVSDIESASCSVGEAKGLASNYDIVVASNHLIHE
LDGRTNGKLIGLDNLMDDNEIKTKLEEALK
;
_entity_poly.pdbx_strand_id                 A 
_entity_poly.pdbx_target_identifier         ? 
# 
_pdbx_entity_nonpoly.entity_id   2 
_pdbx_entity_nonpoly.name        water 
_pdbx_entity_nonpoly.comp_id     HOH 
# 
loop_
_entity_poly_seq.entity_id 
_entity_poly_seq.num 
_entity_poly_seq.mon_id 
_entity_poly_seq.hetero 
1 1   GLY n 
1 2   SER n 
1 3   HIS n 
1 4   MSE n 
1 5   ALA n 
1 6   SER n 
1 7   MSE n 
1 8   THR n 
1 9   GLY n 
1 10  GLY n 
1 11  GLN n 
1 12  GLN n 
1 13  MSE n 
1 14  GLY n 
1 15  ARG n 
1 16  GLY n 
1 17  SER n 
1 18  MET n 
1 19  VAL n 
1 20  LYS n 
1 21  VAL n 
1 22  LEU n 
1 23  THR n 
1 24  ALA n 
1 25  CYS n 
1 26  GLY n 
1 27  ASN n 
1 28  GLY n 
1 29  MSE n 
1 30  GLY n 
1 31  SER n 
1 32  SER n 
1 33  MSE n 
1 34  VAL n 
1 35  ILE n 
1 36  LYS n 
1 37  MSE n 
1 38  LYS n 
1 39  VAL n 
1 40  GLU n 
1 41  ASN n 
1 42  ALA n 
1 43  LEU n 
1 44  ARG n 
1 45  GLN n 
1 46  LEU n 
1 47  GLY n 
1 48  VAL n 
1 49  SER n 
1 50  ASP n 
1 51  ILE n 
1 52  GLU n 
1 53  SER n 
1 54  ALA n 
1 55  SER n 
1 56  CYS n 
1 57  SER n 
1 58  VAL n 
1 59  GLY n 
1 60  GLU n 
1 61  ALA n 
1 62  LYS n 
1 63  GLY n 
1 64  LEU n 
1 65  ALA n 
1 66  SER n 
1 67  ASN n 
1 68  TYR n 
1 69  ASP n 
1 70  ILE n 
1 71  VAL n 
1 72  VAL n 
1 73  ALA n 
1 74  SER n 
1 75  ASN n 
1 76  HIS n 
1 77  LEU n 
1 78  ILE n 
1 79  HIS n 
1 80  GLU n 
1 81  LEU n 
1 82  ASP n 
1 83  GLY n 
1 84  ARG n 
1 85  THR n 
1 86  ASN n 
1 87  GLY n 
1 88  LYS n 
1 89  LEU n 
1 90  ILE n 
1 91  GLY n 
1 92  LEU n 
1 93  ASP n 
1 94  ASN n 
1 95  LEU n 
1 96  MSE n 
1 97  ASP n 
1 98  ASP n 
1 99  ASN n 
1 100 GLU n 
1 101 ILE n 
1 102 LYS n 
1 103 THR n 
1 104 LYS n 
1 105 LEU n 
1 106 GLU n 
1 107 GLU n 
1 108 ALA n 
1 109 LEU n 
1 110 LYS n 
# 
_entity_src_gen.entity_id                          1 
_entity_src_gen.pdbx_src_id                        1 
_entity_src_gen.pdbx_alt_source_flag               sample 
_entity_src_gen.pdbx_seq_type                      ? 
_entity_src_gen.pdbx_beg_seq_num                   ? 
_entity_src_gen.pdbx_end_seq_num                   ? 
_entity_src_gen.gene_src_common_name               ? 
_entity_src_gen.gene_src_genus                     ? 
_entity_src_gen.pdbx_gene_src_gene                 ptxB 
_entity_src_gen.gene_src_species                   ? 
_entity_src_gen.gene_src_strain                    UA159 
_entity_src_gen.gene_src_tissue                    ? 
_entity_src_gen.gene_src_tissue_fraction           ? 
_entity_src_gen.gene_src_details                   ? 
_entity_src_gen.pdbx_gene_src_fragment             ? 
_entity_src_gen.pdbx_gene_src_scientific_name      'Streptococcus mutans' 
_entity_src_gen.pdbx_gene_src_ncbi_taxonomy_id     1309 
_entity_src_gen.pdbx_gene_src_variant              ? 
_entity_src_gen.pdbx_gene_src_cell_line            ? 
_entity_src_gen.pdbx_gene_src_atcc                 ? 
_entity_src_gen.pdbx_gene_src_organ                ? 
_entity_src_gen.pdbx_gene_src_organelle            ? 
_entity_src_gen.pdbx_gene_src_cell                 ? 
_entity_src_gen.pdbx_gene_src_cellular_location    ? 
_entity_src_gen.host_org_common_name               ? 
_entity_src_gen.pdbx_host_org_scientific_name      'Escherichia coli' 
_entity_src_gen.pdbx_host_org_ncbi_taxonomy_id     562 
_entity_src_gen.host_org_genus                     ? 
_entity_src_gen.pdbx_host_org_gene                 ? 
_entity_src_gen.pdbx_host_org_organ                ? 
_entity_src_gen.host_org_species                   ? 
_entity_src_gen.pdbx_host_org_tissue               ? 
_entity_src_gen.pdbx_host_org_tissue_fraction      ? 
_entity_src_gen.pdbx_host_org_strain               'BL21(DE3)' 
_entity_src_gen.pdbx_host_org_variant              ? 
_entity_src_gen.pdbx_host_org_cell_line            ? 
_entity_src_gen.pdbx_host_org_atcc                 ? 
_entity_src_gen.pdbx_host_org_culture_collection   ? 
_entity_src_gen.pdbx_host_org_cell                 ? 
_entity_src_gen.pdbx_host_org_organelle            ? 
_entity_src_gen.pdbx_host_org_cellular_location    ? 
_entity_src_gen.pdbx_host_org_vector_type          plasmid 
_entity_src_gen.pdbx_host_org_vector               ? 
_entity_src_gen.host_org_details                   ? 
_entity_src_gen.expression_system_id               ? 
_entity_src_gen.plasmid_name                       pET28a 
_entity_src_gen.plasmid_details                    ? 
_entity_src_gen.pdbx_description                   ? 
# 
loop_
_chem_comp.id 
_chem_comp.type 
_chem_comp.mon_nstd_flag 
_chem_comp.name 
_chem_comp.pdbx_synonyms 
_chem_comp.formula 
_chem_comp.formula_weight 
ALA 'L-peptide linking' y ALANINE          ? 'C3 H7 N O2'     89.093  
ARG 'L-peptide linking' y ARGININE         ? 'C6 H15 N4 O2 1' 175.209 
ASN 'L-peptide linking' y ASPARAGINE       ? 'C4 H8 N2 O3'    132.118 
ASP 'L-peptide linking' y 'ASPARTIC ACID'  ? 'C4 H7 N O4'     133.103 
CYS 'L-peptide linking' y CYSTEINE         ? 'C3 H7 N O2 S'   121.158 
GLN 'L-peptide linking' y GLUTAMINE        ? 'C5 H10 N2 O3'   146.144 
GLU 'L-peptide linking' y 'GLUTAMIC ACID'  ? 'C5 H9 N O4'     147.129 
GLY 'peptide linking'   y GLYCINE          ? 'C2 H5 N O2'     75.067  
HIS 'L-peptide linking' y HISTIDINE        ? 'C6 H10 N3 O2 1' 156.162 
HOH non-polymer         . WATER            ? 'H2 O'           18.015  
ILE 'L-peptide linking' y ISOLEUCINE       ? 'C6 H13 N O2'    131.173 
LEU 'L-peptide linking' y LEUCINE          ? 'C6 H13 N O2'    131.173 
LYS 'L-peptide linking' y LYSINE           ? 'C6 H15 N2 O2 1' 147.195 
MET 'L-peptide linking' y METHIONINE       ? 'C5 H11 N O2 S'  149.211 
MSE 'L-peptide linking' n SELENOMETHIONINE ? 'C5 H11 N O2 Se' 196.106 
SER 'L-peptide linking' y SERINE           ? 'C3 H7 N O3'     105.093 
THR 'L-peptide linking' y THREONINE        ? 'C4 H9 N O3'     119.119 
TYR 'L-peptide linking' y TYROSINE         ? 'C9 H11 N O3'    181.189 
VAL 'L-peptide linking' y VALINE           ? 'C5 H11 N O2'    117.146 
# 
loop_
_pdbx_poly_seq_scheme.asym_id 
_pdbx_poly_seq_scheme.entity_id 
_pdbx_poly_seq_scheme.seq_id 
_pdbx_poly_seq_scheme.mon_id 
_pdbx_poly_seq_scheme.ndb_seq_num 
_pdbx_poly_seq_scheme.pdb_seq_num 
_pdbx_poly_seq_scheme.auth_seq_num 
_pdbx_poly_seq_scheme.pdb_mon_id 
_pdbx_poly_seq_scheme.auth_mon_id 
_pdbx_poly_seq_scheme.pdb_strand_id 
_pdbx_poly_seq_scheme.pdb_ins_code 
_pdbx_poly_seq_scheme.hetero 
A 1 1   GLY 1   -16 ?  ?   ?   A . n 
A 1 2   SER 2   -15 ?  ?   ?   A . n 
A 1 3   HIS 3   -14 ?  ?   ?   A . n 
A 1 4   MSE 4   -13 ?  ?   ?   A . n 
A 1 5   ALA 5   -12 ?  ?   ?   A . n 
A 1 6   SER 6   -11 ?  ?   ?   A . n 
A 1 7   MSE 7   -10 ?  ?   ?   A . n 
A 1 8   THR 8   -9  ?  ?   ?   A . n 
A 1 9   GLY 9   -8  ?  ?   ?   A . n 
A 1 10  GLY 10  -7  ?  ?   ?   A . n 
A 1 11  GLN 11  -6  ?  ?   ?   A . n 
A 1 12  GLN 12  -5  ?  ?   ?   A . n 
A 1 13  MSE 13  -4  ?  ?   ?   A . n 
A 1 14  GLY 14  -3  ?  ?   ?   A . n 
A 1 15  ARG 15  -2  ?  ?   ?   A . n 
A 1 16  GLY 16  -1  ?  ?   ?   A . n 
A 1 17  SER 17  0   ?  ?   ?   A . n 
A 1 18  MET 18  1   1  MET MET A . n 
A 1 19  VAL 19  2   2  VAL VAL A . n 
A 1 20  LYS 20  3   3  LYS LYS A . n 
A 1 21  VAL 21  4   4  VAL VAL A . n 
A 1 22  LEU 22  5   5  LEU LEU A . n 
A 1 23  THR 23  6   6  THR THR A . n 
A 1 24  ALA 24  7   7  ALA ALA A . n 
A 1 25  CYS 25  8   8  CYS CYS A . n 
A 1 26  GLY 26  9   9  GLY GLY A . n 
A 1 27  ASN 27  10  10 ASN ASN A . n 
A 1 28  GLY 28  11  11 GLY GLY A . n 
A 1 29  MSE 29  12  12 MSE MSE A . n 
A 1 30  GLY 30  13  13 GLY GLY A . n 
A 1 31  SER 31  14  14 SER SER A . n 
A 1 32  SER 32  15  15 SER SER A . n 
A 1 33  MSE 33  16  16 MSE MSE A . n 
A 1 34  VAL 34  17  17 VAL VAL A . n 
A 1 35  ILE 35  18  18 ILE ILE A . n 
A 1 36  LYS 36  19  19 LYS LYS A . n 
A 1 37  MSE 37  20  20 MSE MSE A . n 
A 1 38  LYS 38  21  21 LYS LYS A . n 
A 1 39  VAL 39  22  22 VAL VAL A . n 
A 1 40  GLU 40  23  23 GLU GLU A . n 
A 1 41  ASN 41  24  24 ASN ASN A . n 
A 1 42  ALA 42  25  25 ALA ALA A . n 
A 1 43  LEU 43  26  26 LEU LEU A . n 
A 1 44  ARG 44  27  27 ARG ARG A . n 
A 1 45  GLN 45  28  28 GLN GLN A . n 
A 1 46  LEU 46  29  29 LEU LEU A . n 
A 1 47  GLY 47  30  30 GLY GLY A . n 
A 1 48  VAL 48  31  31 VAL VAL A . n 
A 1 49  SER 49  32  32 SER SER A . n 
A 1 50  ASP 50  33  33 ASP ASP A . n 
A 1 51  ILE 51  34  34 ILE ILE A . n 
A 1 52  GLU 52  35  35 GLU GLU A . n 
A 1 53  SER 53  36  36 SER SER A . n 
A 1 54  ALA 54  37  37 ALA ALA A . n 
A 1 55  SER 55  38  38 SER SER A . n 
A 1 56  CYS 56  39  39 CYS CYS A . n 
A 1 57  SER 57  40  40 SER SER A . n 
A 1 58  VAL 58  41  41 VAL VAL A . n 
A 1 59  GLY 59  42  42 GLY GLY A . n 
A 1 60  GLU 60  43  43 GLU GLU A . n 
A 1 61  ALA 61  44  44 ALA ALA A . n 
A 1 62  LYS 62  45  45 LYS LYS A . n 
A 1 63  GLY 63  46  46 GLY GLY A . n 
A 1 64  LEU 64  47  47 LEU LEU A . n 
A 1 65  ALA 65  48  48 ALA ALA A . n 
A 1 66  SER 66  49  49 SER SER A . n 
A 1 67  ASN 67  50  50 ASN ASN A . n 
A 1 68  TYR 68  51  51 TYR TYR A . n 
A 1 69  ASP 69  52  52 ASP ASP A . n 
A 1 70  ILE 70  53  53 ILE ILE A . n 
A 1 71  VAL 71  54  54 VAL VAL A . n 
A 1 72  VAL 72  55  55 VAL VAL A . n 
A 1 73  ALA 73  56  56 ALA ALA A . n 
A 1 74  SER 74  57  57 SER SER A . n 
A 1 75  ASN 75  58  58 ASN ASN A . n 
A 1 76  HIS 76  59  59 HIS HIS A . n 
A 1 77  LEU 77  60  60 LEU LEU A . n 
A 1 78  ILE 78  61  61 ILE ILE A . n 
A 1 79  HIS 79  62  62 HIS HIS A . n 
A 1 80  GLU 80  63  63 GLU GLU A . n 
A 1 81  LEU 81  64  64 LEU LEU A . n 
A 1 82  ASP 82  65  65 ASP ASP A . n 
A 1 83  GLY 83  66  66 GLY GLY A . n 
A 1 84  ARG 84  67  67 ARG ARG A . n 
A 1 85  THR 85  68  68 THR THR A . n 
A 1 86  ASN 86  69  69 ASN ASN A . n 
A 1 87  GLY 87  70  70 GLY GLY A . n 
A 1 88  LYS 88  71  71 LYS LYS A . n 
A 1 89  LEU 89  72  72 LEU LEU A . n 
A 1 90  ILE 90  73  73 ILE ILE A . n 
A 1 91  GLY 91  74  74 GLY GLY A . n 
A 1 92  LEU 92  75  75 LEU LEU A . n 
A 1 93  ASP 93  76  76 ASP ASP A . n 
A 1 94  ASN 94  77  77 ASN ASN A . n 
A 1 95  LEU 95  78  78 LEU LEU A . n 
A 1 96  MSE 96  79  79 MSE MSE A . n 
A 1 97  ASP 97  80  80 ASP ASP A . n 
A 1 98  ASP 98  81  81 ASP ASP A . n 
A 1 99  ASN 99  82  82 ASN ASN A . n 
A 1 100 GLU 100 83  83 GLU GLU A . n 
A 1 101 ILE 101 84  84 ILE ILE A . n 
A 1 102 LYS 102 85  85 LYS LYS A . n 
A 1 103 THR 103 86  86 THR THR A . n 
A 1 104 LYS 104 87  87 LYS LYS A . n 
A 1 105 LEU 105 88  88 LEU LEU A . n 
A 1 106 GLU 106 89  89 GLU GLU A . n 
A 1 107 GLU 107 90  90 GLU GLU A . n 
A 1 108 ALA 108 91  91 ALA ALA A . n 
A 1 109 LEU 109 92  92 LEU LEU A . n 
A 1 110 LYS 110 93  93 LYS LYS A . n 
# 
loop_
_pdbx_nonpoly_scheme.asym_id 
_pdbx_nonpoly_scheme.entity_id 
_pdbx_nonpoly_scheme.mon_id 
_pdbx_nonpoly_scheme.ndb_seq_num 
_pdbx_nonpoly_scheme.pdb_seq_num 
_pdbx_nonpoly_scheme.auth_seq_num 
_pdbx_nonpoly_scheme.pdb_mon_id 
_pdbx_nonpoly_scheme.auth_mon_id 
_pdbx_nonpoly_scheme.pdb_strand_id 
_pdbx_nonpoly_scheme.pdb_ins_code 
B 2 HOH 1  94  94  HOH HOH A . 
B 2 HOH 2  95  95  HOH HOH A . 
B 2 HOH 3  96  96  HOH HOH A . 
B 2 HOH 4  97  97  HOH HOH A . 
B 2 HOH 5  98  98  HOH HOH A . 
B 2 HOH 6  99  99  HOH HOH A . 
B 2 HOH 7  100 100 HOH HOH A . 
B 2 HOH 8  101 101 HOH HOH A . 
B 2 HOH 9  102 102 HOH HOH A . 
B 2 HOH 10 103 103 HOH HOH A . 
B 2 HOH 11 104 104 HOH HOH A . 
B 2 HOH 12 105 105 HOH HOH A . 
B 2 HOH 13 106 106 HOH HOH A . 
B 2 HOH 14 107 107 HOH HOH A . 
B 2 HOH 15 108 108 HOH HOH A . 
B 2 HOH 16 109 109 HOH HOH A . 
B 2 HOH 17 110 110 HOH HOH A . 
B 2 HOH 18 111 111 HOH HOH A . 
B 2 HOH 19 112 112 HOH HOH A . 
B 2 HOH 20 113 113 HOH HOH A . 
B 2 HOH 21 114 114 HOH HOH A . 
B 2 HOH 22 115 115 HOH HOH A . 
B 2 HOH 23 116 116 HOH HOH A . 
B 2 HOH 24 117 117 HOH HOH A . 
B 2 HOH 25 118 118 HOH HOH A . 
B 2 HOH 26 119 119 HOH HOH A . 
B 2 HOH 27 120 120 HOH HOH A . 
B 2 HOH 28 121 121 HOH HOH A . 
B 2 HOH 29 122 122 HOH HOH A . 
B 2 HOH 30 123 123 HOH HOH A . 
B 2 HOH 31 124 124 HOH HOH A . 
B 2 HOH 32 125 125 HOH HOH A . 
B 2 HOH 33 126 126 HOH HOH A . 
B 2 HOH 34 127 127 HOH HOH A . 
B 2 HOH 35 128 128 HOH HOH A . 
B 2 HOH 36 129 129 HOH HOH A . 
B 2 HOH 37 130 130 HOH HOH A . 
B 2 HOH 38 131 131 HOH HOH A . 
B 2 HOH 39 132 132 HOH HOH A . 
B 2 HOH 40 133 133 HOH HOH A . 
B 2 HOH 41 134 134 HOH HOH A . 
B 2 HOH 42 135 135 HOH HOH A . 
B 2 HOH 43 136 136 HOH HOH A . 
B 2 HOH 44 138 138 HOH HOH A . 
B 2 HOH 45 139 139 HOH HOH A . 
B 2 HOH 46 140 140 HOH HOH A . 
B 2 HOH 47 141 141 HOH HOH A . 
B 2 HOH 48 143 143 HOH HOH A . 
B 2 HOH 49 144 144 HOH HOH A . 
B 2 HOH 50 145 145 HOH HOH A . 
B 2 HOH 51 146 146 HOH HOH A . 
B 2 HOH 52 147 147 HOH HOH A . 
B 2 HOH 53 148 148 HOH HOH A . 
B 2 HOH 54 149 149 HOH HOH A . 
B 2 HOH 55 150 150 HOH HOH A . 
B 2 HOH 56 151 151 HOH HOH A . 
B 2 HOH 57 152 152 HOH HOH A . 
B 2 HOH 58 153 153 HOH HOH A . 
B 2 HOH 59 154 154 HOH HOH A . 
# 
loop_
_software.name 
_software.version 
_software.date 
_software.type 
_software.contact_author 
_software.contact_author_email 
_software.classification 
_software.location 
_software.language 
_software.citation_id 
_software.pdbx_ordinal 
XSCALE      .     ?                    package 'Wolfgang Kabsch'  ?                            'data scaling'    
http://www.mpimf-heidelberg.mpg.de/~kabsch/xds/xscale_program.html ?          ? 1 
SHELX       .     ?                    package 'George Sheldrick' gsheldr@shelx.uni-ac.gwdg.de phasing           
http://shelx.uni-ac.gwdg.de/SHELX/                                 Fortran_77 ? 2 
REFMAC      .     ?                    program 'Murshudov, G.N.'  ccp4@dl.ac.uk                refinement        
http://www.ccp4.ac.uk/main.html                                    Fortran_77 ? 3 
PDB_EXTRACT 3.005 'September 10, 2007' package PDB                sw-help@rcsb.rutgers.edu     'data extraction' 
http://pdb.rutgers.edu/software/                                   C++        ? 4 
XDS         .     ?                    ?       ?                  ?                            'data reduction'  ? ?          ? 5 
XDS         .     ?                    ?       ?                  ?                            'data scaling'    ? ?          ? 6 
SHELXCD     .     ?                    ?       ?                  ?                            phasing           ? ?          ? 7 
SHELXE      .     ?                    ?       ?                  ?                            'model building'  ? ?          ? 8 
# 
_cell.entry_id           3CZC 
_cell.length_a           36.000 
_cell.length_b           41.400 
_cell.length_c           54.900 
_cell.angle_alpha        90.00 
_cell.angle_beta         90.00 
_cell.angle_gamma        90.00 
_cell.Z_PDB              4 
_cell.pdbx_unique_axis   ? 
_cell.length_a_esd       ? 
_cell.length_b_esd       ? 
_cell.length_c_esd       ? 
_cell.angle_alpha_esd    ? 
_cell.angle_beta_esd     ? 
_cell.angle_gamma_esd    ? 
# 
_symmetry.entry_id                         3CZC 
_symmetry.space_group_name_H-M             'P 21 21 21' 
_symmetry.pdbx_full_space_group_name_H-M   ? 
_symmetry.cell_setting                     ? 
_symmetry.Int_Tables_number                19 
_symmetry.space_group_name_Hall            ? 
# 
_exptl.crystals_number   1 
_exptl.entry_id          3CZC 
_exptl.method            'X-RAY DIFFRACTION' 
# 
_exptl_crystal.id                    1 
_exptl_crystal.pdbx_mosaicity        ? 
_exptl_crystal.pdbx_mosaicity_esd    ? 
_exptl_crystal.density_Matthews      1.717724 
_exptl_crystal.density_diffrn        ? 
_exptl_crystal.density_meas          ? 
_exptl_crystal.density_meas_temp     ? 
_exptl_crystal.density_percent_sol   28.393608 
_exptl_crystal.size_max              ? 
_exptl_crystal.size_mid              ? 
_exptl_crystal.size_min              ? 
_exptl_crystal.size_rad              ? 
_exptl_crystal.description           ? 
_exptl_crystal.F_000                 ? 
_exptl_crystal.preparation           ? 
# 
_exptl_crystal_grow.crystal_id      1 
_exptl_crystal_grow.method          'VAPOR DIFFUSION' 
_exptl_crystal_grow.pH              6.5 
_exptl_crystal_grow.temp            289 
_exptl_crystal_grow.pdbx_details    '0.1M MES, 1.5-1.8M (NH4)2SO4, pH 6.5, Vapor diffusion, temperature 289K' 
_exptl_crystal_grow.temp_details    ? 
_exptl_crystal_grow.pdbx_pH_range   . 
# 
_diffrn.id                     1 
_diffrn.ambient_temp           100 
_diffrn.ambient_temp_details   ? 
_diffrn.crystal_id             1 
# 
_diffrn_detector.diffrn_id              1 
_diffrn_detector.detector               CCD 
_diffrn_detector.type                   'MAR CCD 165 mm' 
_diffrn_detector.pdbx_collection_date   2007-07-25 
_diffrn_detector.details                ? 
# 
_diffrn_radiation.diffrn_id                        1 
_diffrn_radiation.pdbx_diffrn_protocol             'SINGLE WAVELENGTH' 
_diffrn_radiation.monochromator                    ? 
_diffrn_radiation.wavelength_id                    1 
_diffrn_radiation.pdbx_monochromatic_or_laue_m_l   ? 
_diffrn_radiation.pdbx_scattering_type             x-ray 
# 
_diffrn_radiation_wavelength.id           1 
_diffrn_radiation_wavelength.wavelength   0.981 
_diffrn_radiation_wavelength.wt           1.0 
# 
_diffrn_source.diffrn_id                   1 
_diffrn_source.source                      SYNCHROTRON 
_diffrn_source.type                        'BSRF BEAMLINE 3W1A' 
_diffrn_source.pdbx_wavelength_list        0.981 
_diffrn_source.pdbx_wavelength             ? 
_diffrn_source.pdbx_synchrotron_site       BSRF 
_diffrn_source.pdbx_synchrotron_beamline   3W1A 
# 
_reflns.entry_id                     3CZC 
_reflns.d_resolution_high            2.000 
_reflns.number_obs                   5665 
_reflns.pdbx_Rmerge_I_obs            0.025 
_reflns.pdbx_netI_over_sigmaI        58.330 
_reflns.percent_possible_obs         96.000 
_reflns.B_iso_Wilson_estimate        21.478 
_reflns.observed_criterion_sigma_I   -3.00 
_reflns.observed_criterion_sigma_F   ? 
_reflns.d_resolution_low             19.4 
_reflns.number_all                   ? 
_reflns.pdbx_Rsym_value              0.028 
_reflns.pdbx_redundancy              7 
_reflns.R_free_details               ? 
_reflns.limit_h_max                  ? 
_reflns.limit_h_min                  ? 
_reflns.limit_k_max                  ? 
_reflns.limit_k_min                  ? 
_reflns.limit_l_max                  ? 
_reflns.limit_l_min                  ? 
_reflns.observed_criterion_F_max     ? 
_reflns.observed_criterion_F_min     ? 
_reflns.pdbx_chi_squared             ? 
_reflns.pdbx_scaling_rejects         ? 
_reflns.pdbx_diffrn_id               1 
_reflns.pdbx_ordinal                 1 
# 
_reflns_shell.d_res_high             2.00 
_reflns_shell.d_res_low              2.30 
_reflns_shell.number_measured_obs    23150 
_reflns_shell.number_measured_all    ? 
_reflns_shell.number_unique_obs      3265 
_reflns_shell.Rmerge_I_obs           0.040 
_reflns_shell.meanI_over_sigI_obs    42.2 
_reflns_shell.pdbx_Rsym_value        0.038 
_reflns_shell.pdbx_chi_squared       ? 
_reflns_shell.pdbx_redundancy        7 
_reflns_shell.percent_possible_obs   ? 
_reflns_shell.number_unique_all      3265 
_reflns_shell.percent_possible_all   89.00 
_reflns_shell.pdbx_diffrn_id         ? 
_reflns_shell.pdbx_ordinal           1 
# 
_refine.entry_id                                 3CZC 
_refine.ls_d_res_high                            2.020 
_refine.ls_d_res_low                             19.370 
_refine.pdbx_ls_sigma_F                          0.00 
_refine.ls_percent_reflns_obs                    100.000 
_refine.ls_number_reflns_obs                     5401 
_refine.pdbx_ls_cross_valid_method               THROUGHOUT 
_refine.pdbx_R_Free_selection_details            RANDOM 
_refine.ls_R_factor_obs                          0.17740 
_refine.ls_R_factor_R_work                       0.17454 
_refine.ls_R_factor_R_free                       0.23734 
_refine.ls_percent_reflns_R_free                 4.700 
_refine.ls_number_reflns_R_free                  264 
_refine.B_iso_mean                               15.320 
_refine.aniso_B[1][1]                            -0.050 
_refine.aniso_B[2][2]                            -0.070 
_refine.aniso_B[3][3]                            0.110 
_refine.aniso_B[1][2]                            0.000 
_refine.aniso_B[1][3]                            0.000 
_refine.aniso_B[2][3]                            0.000 
_refine.correlation_coeff_Fo_to_Fc               0.946 
_refine.correlation_coeff_Fo_to_Fc_free          0.913 
_refine.pdbx_overall_ESU_R                       0.203 
_refine.pdbx_overall_ESU_R_Free                  0.183 
_refine.overall_SU_ML                            0.120 
_refine.overall_SU_B                             4.392 
_refine.solvent_model_details                    MASK 
_refine.pdbx_solvent_vdw_probe_radii             1.200 
_refine.pdbx_solvent_ion_probe_radii             0.800 
_refine.pdbx_solvent_shrinkage_radii             0.800 
_refine.pdbx_method_to_determine_struct          SAD 
_refine.pdbx_stereochemistry_target_values       'MAXIMUM LIKELIHOOD' 
_refine.pdbx_ls_sigma_I                          ? 
_refine.ls_number_reflns_all                     6711 
_refine.ls_R_factor_all                          0.23 
_refine.ls_redundancy_reflns_obs                 ? 
_refine.pdbx_data_cutoff_high_absF               ? 
_refine.pdbx_data_cutoff_low_absF                ? 
_refine.ls_number_parameters                     ? 
_refine.ls_number_restraints                     ? 
_refine.ls_R_factor_R_free_error                 ? 
_refine.ls_R_factor_R_free_error_details         ? 
_refine.pdbx_starting_model                      ? 
_refine.pdbx_stereochem_target_val_spec_case     ? 
_refine.solvent_model_param_bsol                 ? 
_refine.solvent_model_param_ksol                 ? 
_refine.occupancy_max                            ? 
_refine.occupancy_min                            ? 
_refine.pdbx_isotropic_thermal_model             ? 
_refine.details                                  ? 
_refine.B_iso_min                                ? 
_refine.B_iso_max                                ? 
_refine.overall_SU_R_Cruickshank_DPI             ? 
_refine.overall_SU_R_free                        ? 
_refine.pdbx_data_cutoff_high_rms_absF           ? 
_refine.ls_wR_factor_R_free                      ? 
_refine.ls_wR_factor_R_work                      ? 
_refine.overall_FOM_free_R_set                   ? 
_refine.overall_FOM_work_R_set                   ? 
_refine.pdbx_overall_phase_error                 ? 
_refine.pdbx_refine_id                           'X-RAY DIFFRACTION' 
_refine.pdbx_diffrn_id                           1 
_refine.pdbx_TLS_residual_ADP_flag               ? 
_refine.pdbx_overall_SU_R_free_Cruickshank_DPI   ? 
_refine.pdbx_overall_SU_R_Blow_DPI               ? 
_refine.pdbx_overall_SU_R_free_Blow_DPI          ? 
# 
_refine_hist.pdbx_refine_id                   'X-RAY DIFFRACTION' 
_refine_hist.cycle_id                         LAST 
_refine_hist.pdbx_number_atoms_protein        700 
_refine_hist.pdbx_number_atoms_nucleic_acid   0 
_refine_hist.pdbx_number_atoms_ligand         0 
_refine_hist.number_atoms_solvent             59 
_refine_hist.number_atoms_total               759 
_refine_hist.d_res_high                       2.020 
_refine_hist.d_res_low                        19.370 
# 
loop_
_refine_ls_restr.type 
_refine_ls_restr.dev_ideal 
_refine_ls_restr.dev_ideal_target 
_refine_ls_restr.weight 
_refine_ls_restr.number 
_refine_ls_restr.pdbx_refine_id 
_refine_ls_restr.pdbx_restraint_function 
r_bond_refined_d             0.019  0.022  ? 712 'X-RAY DIFFRACTION' ? 
r_bond_other_d               ?      ?      ? ?   'X-RAY DIFFRACTION' ? 
r_angle_refined_deg          1.594  1.989  ? 946 'X-RAY DIFFRACTION' ? 
r_angle_other_deg            ?      ?      ? ?   'X-RAY DIFFRACTION' ? 
r_dihedral_angle_1_deg       5.432  5.000  ? 96  'X-RAY DIFFRACTION' ? 
r_dihedral_angle_2_deg       39.739 26.786 ? 28  'X-RAY DIFFRACTION' ? 
r_dihedral_angle_3_deg       16.959 15.000 ? 144 'X-RAY DIFFRACTION' ? 
r_dihedral_angle_4_deg       12.839 15.000 ? 3   'X-RAY DIFFRACTION' ? 
r_chiral_restr               0.105  0.200  ? 114 'X-RAY DIFFRACTION' ? 
r_gen_planes_refined         0.006  0.020  ? 503 'X-RAY DIFFRACTION' ? 
r_gen_planes_other           ?      ?      ? ?   'X-RAY DIFFRACTION' ? 
r_nbd_refined                0.201  0.200  ? 314 'X-RAY DIFFRACTION' ? 
r_nbd_other                  ?      ?      ? ?   'X-RAY DIFFRACTION' ? 
r_nbtor_refined              0.292  0.200  ? 467 'X-RAY DIFFRACTION' ? 
r_nbtor_other                ?      ?      ? ?   'X-RAY DIFFRACTION' ? 
r_xyhbond_nbd_refined        0.285  0.200  ? 43  'X-RAY DIFFRACTION' ? 
r_xyhbond_nbd_other          ?      ?      ? ?   'X-RAY DIFFRACTION' ? 
r_metal_ion_refined          ?      ?      ? ?   'X-RAY DIFFRACTION' ? 
r_metal_ion_other            ?      ?      ? ?   'X-RAY DIFFRACTION' ? 
r_symmetry_vdw_refined       0.249  0.200  ? 28  'X-RAY DIFFRACTION' ? 
r_symmetry_vdw_other         ?      ?      ? ?   'X-RAY DIFFRACTION' ? 
r_symmetry_hbond_refined     0.162  0.200  ? 9   'X-RAY DIFFRACTION' ? 
r_symmetry_hbond_other       ?      ?      ? ?   'X-RAY DIFFRACTION' ? 
r_symmetry_metal_ion_refined ?      ?      ? ?   'X-RAY DIFFRACTION' ? 
r_symmetry_metal_ion_other   ?      ?      ? ?   'X-RAY DIFFRACTION' ? 
r_mcbond_it                  1.277  1.500  ? 481 'X-RAY DIFFRACTION' ? 
r_mcbond_other               ?      ?      ? ?   'X-RAY DIFFRACTION' ? 
r_mcangle_it                 1.769  2.000  ? 738 'X-RAY DIFFRACTION' ? 
r_scbond_it                  2.990  3.000  ? 245 'X-RAY DIFFRACTION' ? 
r_scangle_it                 4.768  4.500  ? 206 'X-RAY DIFFRACTION' ? 
r_rigid_bond_restr           ?      ?      ? ?   'X-RAY DIFFRACTION' ? 
r_sphericity_free            ?      ?      ? ?   'X-RAY DIFFRACTION' ? 
r_sphericity_bonded          ?      ?      ? ?   'X-RAY DIFFRACTION' ? 
# 
_refine_ls_shell.d_res_high                       2.024 
_refine_ls_shell.d_res_low                        2.076 
_refine_ls_shell.pdbx_total_number_of_bins_used   20 
_refine_ls_shell.percent_reflns_obs               100.000 
_refine_ls_shell.number_reflns_R_work             358 
_refine_ls_shell.R_factor_all                     ? 
_refine_ls_shell.R_factor_R_work                  0.225 
_refine_ls_shell.R_factor_R_free                  0.350 
_refine_ls_shell.percent_reflns_R_free            ? 
_refine_ls_shell.number_reflns_R_free             26 
_refine_ls_shell.R_factor_R_free_error            ? 
_refine_ls_shell.number_reflns_all                384 
_refine_ls_shell.number_reflns_obs                ? 
_refine_ls_shell.redundancy_reflns_obs            ? 
_refine_ls_shell.pdbx_refine_id                   'X-RAY DIFFRACTION' 
# 
_struct.entry_id                  3CZC 
_struct.title                     'The Crystal Structure of a putative PTS IIB(PtxB) from Streptococcus mutans' 
_struct.pdbx_model_details        ? 
_struct.pdbx_CASP_flag            ? 
_struct.pdbx_model_type_details   ? 
# 
_struct_keywords.entry_id        3CZC 
_struct_keywords.text            'alpha/beta sandwich, Phosphotransferase system, Transferase, Transport' 
_struct_keywords.pdbx_keywords   TRANSFERASE 
# 
loop_
_struct_asym.id 
_struct_asym.pdbx_blank_PDB_chainid_flag 
_struct_asym.pdbx_modified 
_struct_asym.entity_id 
_struct_asym.details 
A N N 1 ? 
B N N 2 ? 
# 
_struct_ref.id                         1 
_struct_ref.db_name                    UNP 
_struct_ref.db_code                    Q93DB0_STRMU 
_struct_ref.pdbx_db_accession          Q93DB0 
_struct_ref.entity_id                  1 
_struct_ref.pdbx_seq_one_letter_code   
;MVKVLTACGNGMGSSMVIKMKVENALRQLGVSDIESASCSVGEAKGLASNYDIVVASNHLIHELDGRTNGKLIGLDNLMD
DNEIKTKLEEALK
;
_struct_ref.pdbx_align_begin           1 
_struct_ref.pdbx_db_isoform            ? 
# 
_struct_ref_seq.align_id                      1 
_struct_ref_seq.ref_id                        1 
_struct_ref_seq.pdbx_PDB_id_code              3CZC 
_struct_ref_seq.pdbx_strand_id                A 
_struct_ref_seq.seq_align_beg                 18 
_struct_ref_seq.pdbx_seq_align_beg_ins_code   ? 
_struct_ref_seq.seq_align_end                 110 
_struct_ref_seq.pdbx_seq_align_end_ins_code   ? 
_struct_ref_seq.pdbx_db_accession             Q93DB0 
_struct_ref_seq.db_align_beg                  1 
_struct_ref_seq.pdbx_db_align_beg_ins_code    ? 
_struct_ref_seq.db_align_end                  93 
_struct_ref_seq.pdbx_db_align_end_ins_code    ? 
_struct_ref_seq.pdbx_auth_seq_align_beg       1 
_struct_ref_seq.pdbx_auth_seq_align_end       93 
# 
loop_
_struct_ref_seq_dif.align_id 
_struct_ref_seq_dif.pdbx_pdb_id_code 
_struct_ref_seq_dif.mon_id 
_struct_ref_seq_dif.pdbx_pdb_strand_id 
_struct_ref_seq_dif.seq_num 
_struct_ref_seq_dif.pdbx_pdb_ins_code 
_struct_ref_seq_dif.pdbx_seq_db_name 
_struct_ref_seq_dif.pdbx_seq_db_accession_code 
_struct_ref_seq_dif.db_mon_id 
_struct_ref_seq_dif.pdbx_seq_db_seq_num 
_struct_ref_seq_dif.details 
_struct_ref_seq_dif.pdbx_auth_seq_num 
_struct_ref_seq_dif.pdbx_ordinal 
1 3CZC GLY A 1  ? UNP Q93DB0 ? ? 'expression tag' -16 1  
1 3CZC SER A 2  ? UNP Q93DB0 ? ? 'expression tag' -15 2  
1 3CZC HIS A 3  ? UNP Q93DB0 ? ? 'expression tag' -14 3  
1 3CZC MSE A 4  ? UNP Q93DB0 ? ? 'expression tag' -13 4  
1 3CZC ALA A 5  ? UNP Q93DB0 ? ? 'expression tag' -12 5  
1 3CZC SER A 6  ? UNP Q93DB0 ? ? 'expression tag' -11 6  
1 3CZC MSE A 7  ? UNP Q93DB0 ? ? 'expression tag' -10 7  
1 3CZC THR A 8  ? UNP Q93DB0 ? ? 'expression tag' -9  8  
1 3CZC GLY A 9  ? UNP Q93DB0 ? ? 'expression tag' -8  9  
1 3CZC GLY A 10 ? UNP Q93DB0 ? ? 'expression tag' -7  10 
1 3CZC GLN A 11 ? UNP Q93DB0 ? ? 'expression tag' -6  11 
1 3CZC GLN A 12 ? UNP Q93DB0 ? ? 'expression tag' -5  12 
1 3CZC MSE A 13 ? UNP Q93DB0 ? ? 'expression tag' -4  13 
1 3CZC GLY A 14 ? UNP Q93DB0 ? ? 'expression tag' -3  14 
1 3CZC ARG A 15 ? UNP Q93DB0 ? ? 'expression tag' -2  15 
1 3CZC GLY A 16 ? UNP Q93DB0 ? ? 'expression tag' -1  16 
1 3CZC SER A 17 ? UNP Q93DB0 ? ? 'expression tag' 0   17 
# 
_pdbx_struct_assembly.id                   1 
_pdbx_struct_assembly.details              author_and_software_defined_assembly 
_pdbx_struct_assembly.method_details       PISA 
_pdbx_struct_assembly.oligomeric_details   monomeric 
_pdbx_struct_assembly.oligomeric_count     1 
# 
_pdbx_struct_assembly_gen.assembly_id       1 
_pdbx_struct_assembly_gen.oper_expression   1 
_pdbx_struct_assembly_gen.asym_id_list      A,B 
# 
_pdbx_struct_oper_list.id                   1 
_pdbx_struct_oper_list.type                 'identity operation' 
_pdbx_struct_oper_list.name                 1_555 
_pdbx_struct_oper_list.symmetry_operation   x,y,z 
_pdbx_struct_oper_list.matrix[1][1]         1.0000000000 
_pdbx_struct_oper_list.matrix[1][2]         0.0000000000 
_pdbx_struct_oper_list.matrix[1][3]         0.0000000000 
_pdbx_struct_oper_list.vector[1]            0.0000000000 
_pdbx_struct_oper_list.matrix[2][1]         0.0000000000 
_pdbx_struct_oper_list.matrix[2][2]         1.0000000000 
_pdbx_struct_oper_list.matrix[2][3]         0.0000000000 
_pdbx_struct_oper_list.vector[2]            0.0000000000 
_pdbx_struct_oper_list.matrix[3][1]         0.0000000000 
_pdbx_struct_oper_list.matrix[3][2]         0.0000000000 
_pdbx_struct_oper_list.matrix[3][3]         1.0000000000 
_pdbx_struct_oper_list.vector[3]            0.0000000000 
# 
_struct_biol.id        1 
_struct_biol.details   ? 
# 
loop_
_struct_conf.conf_type_id 
_struct_conf.id 
_struct_conf.pdbx_PDB_helix_id 
_struct_conf.beg_label_comp_id 
_struct_conf.beg_label_asym_id 
_struct_conf.beg_label_seq_id 
_struct_conf.pdbx_beg_PDB_ins_code 
_struct_conf.end_label_comp_id 
_struct_conf.end_label_asym_id 
_struct_conf.end_label_seq_id 
_struct_conf.pdbx_end_PDB_ins_code 
_struct_conf.beg_auth_comp_id 
_struct_conf.beg_auth_asym_id 
_struct_conf.beg_auth_seq_id 
_struct_conf.end_auth_comp_id 
_struct_conf.end_auth_asym_id 
_struct_conf.end_auth_seq_id 
_struct_conf.pdbx_PDB_helix_class 
_struct_conf.details 
_struct_conf.pdbx_PDB_helix_length 
HELX_P HELX_P1 1 GLY A 28 ? LEU A 46  ? GLY A 11 LEU A 29 1 ? 19 
HELX_P HELX_P2 2 SER A 57 ? ALA A 65  ? SER A 40 ALA A 48 1 ? 9  
HELX_P HELX_P3 3 SER A 66 ? TYR A 68  ? SER A 49 TYR A 51 5 ? 3  
HELX_P HELX_P4 4 LEU A 77 ? LEU A 81  ? LEU A 60 LEU A 64 5 ? 5  
HELX_P HELX_P5 5 ASP A 97 ? LYS A 110 ? ASP A 80 LYS A 93 1 ? 14 
# 
_struct_conf_type.id          HELX_P 
_struct_conf_type.criteria    ? 
_struct_conf_type.reference   ? 
# 
loop_
_struct_conn.id 
_struct_conn.conn_type_id 
_struct_conn.pdbx_leaving_atom_flag 
_struct_conn.pdbx_PDB_id 
_struct_conn.ptnr1_label_asym_id 
_struct_conn.ptnr1_label_comp_id 
_struct_conn.ptnr1_label_seq_id 
_struct_conn.ptnr1_label_atom_id 
_struct_conn.pdbx_ptnr1_label_alt_id 
_struct_conn.pdbx_ptnr1_PDB_ins_code 
_struct_conn.pdbx_ptnr1_standard_comp_id 
_struct_conn.ptnr1_symmetry 
_struct_conn.ptnr2_label_asym_id 
_struct_conn.ptnr2_label_comp_id 
_struct_conn.ptnr2_label_seq_id 
_struct_conn.ptnr2_label_atom_id 
_struct_conn.pdbx_ptnr2_label_alt_id 
_struct_conn.pdbx_ptnr2_PDB_ins_code 
_struct_conn.ptnr1_auth_asym_id 
_struct_conn.ptnr1_auth_comp_id 
_struct_conn.ptnr1_auth_seq_id 
_struct_conn.ptnr2_auth_asym_id 
_struct_conn.ptnr2_auth_comp_id 
_struct_conn.ptnr2_auth_seq_id 
_struct_conn.ptnr2_symmetry 
_struct_conn.pdbx_ptnr3_label_atom_id 
_struct_conn.pdbx_ptnr3_label_seq_id 
_struct_conn.pdbx_ptnr3_label_comp_id 
_struct_conn.pdbx_ptnr3_label_asym_id 
_struct_conn.pdbx_ptnr3_label_alt_id 
_struct_conn.pdbx_ptnr3_PDB_ins_code 
_struct_conn.details 
_struct_conn.pdbx_dist_value 
_struct_conn.pdbx_value_order 
_struct_conn.pdbx_role 
covale1 covale both ? A GLY 28 C ? ? ? 1_555 A MSE 29 N ? ? A GLY 11 A MSE 12 1_555 ? ? ? ? ? ? ? 1.316 ? ? 
covale2 covale both ? A MSE 29 C ? ? ? 1_555 A GLY 30 N ? ? A MSE 12 A GLY 13 1_555 ? ? ? ? ? ? ? 1.329 ? ? 
covale3 covale both ? A SER 32 C ? ? ? 1_555 A MSE 33 N ? ? A SER 15 A MSE 16 1_555 ? ? ? ? ? ? ? 1.332 ? ? 
covale4 covale both ? A MSE 33 C ? ? ? 1_555 A VAL 34 N ? ? A MSE 16 A VAL 17 1_555 ? ? ? ? ? ? ? 1.333 ? ? 
covale5 covale both ? A LYS 36 C ? ? ? 1_555 A MSE 37 N ? ? A LYS 19 A MSE 20 1_555 ? ? ? ? ? ? ? 1.332 ? ? 
covale6 covale both ? A MSE 37 C ? ? ? 1_555 A LYS 38 N ? ? A MSE 20 A LYS 21 1_555 ? ? ? ? ? ? ? 1.344 ? ? 
covale7 covale both ? A LEU 95 C ? ? ? 1_555 A MSE 96 N ? ? A LEU 78 A MSE 79 1_555 ? ? ? ? ? ? ? 1.328 ? ? 
covale8 covale both ? A MSE 96 C ? ? ? 1_555 A ASP 97 N ? ? A MSE 79 A ASP 80 1_555 ? ? ? ? ? ? ? 1.327 ? ? 
# 
_struct_conn_type.id          covale 
_struct_conn_type.criteria    ? 
_struct_conn_type.reference   ? 
# 
loop_
_pdbx_modification_feature.ordinal 
_pdbx_modification_feature.label_comp_id 
_pdbx_modification_feature.label_asym_id 
_pdbx_modification_feature.label_seq_id 
_pdbx_modification_feature.label_alt_id 
_pdbx_modification_feature.modified_residue_label_comp_id 
_pdbx_modification_feature.modified_residue_label_asym_id 
_pdbx_modification_feature.modified_residue_label_seq_id 
_pdbx_modification_feature.modified_residue_label_alt_id 
_pdbx_modification_feature.auth_comp_id 
_pdbx_modification_feature.auth_asym_id 
_pdbx_modification_feature.auth_seq_id 
_pdbx_modification_feature.PDB_ins_code 
_pdbx_modification_feature.symmetry 
_pdbx_modification_feature.modified_residue_auth_comp_id 
_pdbx_modification_feature.modified_residue_auth_asym_id 
_pdbx_modification_feature.modified_residue_auth_seq_id 
_pdbx_modification_feature.modified_residue_PDB_ins_code 
_pdbx_modification_feature.modified_residue_symmetry 
_pdbx_modification_feature.comp_id_linking_atom 
_pdbx_modification_feature.modified_residue_id_linking_atom 
_pdbx_modification_feature.modified_residue_id 
_pdbx_modification_feature.ref_pcm_id 
_pdbx_modification_feature.ref_comp_id 
_pdbx_modification_feature.type 
_pdbx_modification_feature.category 
1 MSE A 29 ? . . . . MSE A 12 ? 1_555 . . . . . . . MET 1 MSE Selenomethionine 'Named protein modification' 
2 MSE A 33 ? . . . . MSE A 16 ? 1_555 . . . . . . . MET 1 MSE Selenomethionine 'Named protein modification' 
3 MSE A 37 ? . . . . MSE A 20 ? 1_555 . . . . . . . MET 1 MSE Selenomethionine 'Named protein modification' 
4 MSE A 96 ? . . . . MSE A 79 ? 1_555 . . . . . . . MET 1 MSE Selenomethionine 'Named protein modification' 
# 
_struct_sheet.id               A 
_struct_sheet.type             ? 
_struct_sheet.number_strands   4 
_struct_sheet.details          ? 
# 
loop_
_struct_sheet_order.sheet_id 
_struct_sheet_order.range_id_1 
_struct_sheet_order.range_id_2 
_struct_sheet_order.offset 
_struct_sheet_order.sense 
A 1 2 ? parallel 
A 2 3 ? parallel 
A 3 4 ? parallel 
# 
loop_
_struct_sheet_range.sheet_id 
_struct_sheet_range.id 
_struct_sheet_range.beg_label_comp_id 
_struct_sheet_range.beg_label_asym_id 
_struct_sheet_range.beg_label_seq_id 
_struct_sheet_range.pdbx_beg_PDB_ins_code 
_struct_sheet_range.end_label_comp_id 
_struct_sheet_range.end_label_asym_id 
_struct_sheet_range.end_label_seq_id 
_struct_sheet_range.pdbx_end_PDB_ins_code 
_struct_sheet_range.beg_auth_comp_id 
_struct_sheet_range.beg_auth_asym_id 
_struct_sheet_range.beg_auth_seq_id 
_struct_sheet_range.end_auth_comp_id 
_struct_sheet_range.end_auth_asym_id 
_struct_sheet_range.end_auth_seq_id 
A 1 ILE A 51 ? CYS A 56 ? ILE A 34 CYS A 39 
A 2 VAL A 19 ? ALA A 24 ? VAL A 2  ALA A 7  
A 3 ILE A 70 ? SER A 74 ? ILE A 53 SER A 57 
A 4 LYS A 88 ? LEU A 92 ? LYS A 71 LEU A 75 
# 
loop_
_pdbx_struct_sheet_hbond.sheet_id 
_pdbx_struct_sheet_hbond.range_id_1 
_pdbx_struct_sheet_hbond.range_id_2 
_pdbx_struct_sheet_hbond.range_1_label_atom_id 
_pdbx_struct_sheet_hbond.range_1_label_comp_id 
_pdbx_struct_sheet_hbond.range_1_label_asym_id 
_pdbx_struct_sheet_hbond.range_1_label_seq_id 
_pdbx_struct_sheet_hbond.range_1_PDB_ins_code 
_pdbx_struct_sheet_hbond.range_1_auth_atom_id 
_pdbx_struct_sheet_hbond.range_1_auth_comp_id 
_pdbx_struct_sheet_hbond.range_1_auth_asym_id 
_pdbx_struct_sheet_hbond.range_1_auth_seq_id 
_pdbx_struct_sheet_hbond.range_2_label_atom_id 
_pdbx_struct_sheet_hbond.range_2_label_comp_id 
_pdbx_struct_sheet_hbond.range_2_label_asym_id 
_pdbx_struct_sheet_hbond.range_2_label_seq_id 
_pdbx_struct_sheet_hbond.range_2_PDB_ins_code 
_pdbx_struct_sheet_hbond.range_2_auth_atom_id 
_pdbx_struct_sheet_hbond.range_2_auth_comp_id 
_pdbx_struct_sheet_hbond.range_2_auth_asym_id 
_pdbx_struct_sheet_hbond.range_2_auth_seq_id 
A 1 2 O ALA A 54 ? O ALA A 37 N THR A 23 ? N THR A 6  
A 2 3 N LEU A 22 ? N LEU A 5  O VAL A 72 ? O VAL A 55 
A 3 4 N VAL A 71 ? N VAL A 54 O ILE A 90 ? O ILE A 73 
# 
_pdbx_entry_details.entry_id                   3CZC 
_pdbx_entry_details.compound_details           ? 
_pdbx_entry_details.source_details             ? 
_pdbx_entry_details.nonpolymer_details         ? 
_pdbx_entry_details.sequence_details           ? 
_pdbx_entry_details.has_ligand_of_interest     ? 
_pdbx_entry_details.has_protein_modification   Y 
# 
loop_
_pdbx_validate_close_contact.id 
_pdbx_validate_close_contact.PDB_model_num 
_pdbx_validate_close_contact.auth_atom_id_1 
_pdbx_validate_close_contact.auth_asym_id_1 
_pdbx_validate_close_contact.auth_comp_id_1 
_pdbx_validate_close_contact.auth_seq_id_1 
_pdbx_validate_close_contact.PDB_ins_code_1 
_pdbx_validate_close_contact.label_alt_id_1 
_pdbx_validate_close_contact.auth_atom_id_2 
_pdbx_validate_close_contact.auth_asym_id_2 
_pdbx_validate_close_contact.auth_comp_id_2 
_pdbx_validate_close_contact.auth_seq_id_2 
_pdbx_validate_close_contact.PDB_ins_code_2 
_pdbx_validate_close_contact.label_alt_id_2 
_pdbx_validate_close_contact.dist 
1 1 O   A HOH 153 ? ? O A HOH 154 ? ? 1.49 
2 1 OE1 A GLU 90  ? ? O A HOH 127 ? ? 2.15 
# 
loop_
_pdbx_struct_mod_residue.id 
_pdbx_struct_mod_residue.label_asym_id 
_pdbx_struct_mod_residue.label_comp_id 
_pdbx_struct_mod_residue.label_seq_id 
_pdbx_struct_mod_residue.auth_asym_id 
_pdbx_struct_mod_residue.auth_comp_id 
_pdbx_struct_mod_residue.auth_seq_id 
_pdbx_struct_mod_residue.PDB_ins_code 
_pdbx_struct_mod_residue.parent_comp_id 
_pdbx_struct_mod_residue.details 
1 A MSE 29 A MSE 12 ? MET SELENOMETHIONINE 
2 A MSE 33 A MSE 16 ? MET SELENOMETHIONINE 
3 A MSE 37 A MSE 20 ? MET SELENOMETHIONINE 
4 A MSE 96 A MSE 79 ? MET SELENOMETHIONINE 
# 
_phasing.method   SAD 
# 
loop_
_pdbx_unobs_or_zero_occ_residues.id 
_pdbx_unobs_or_zero_occ_residues.PDB_model_num 
_pdbx_unobs_or_zero_occ_residues.polymer_flag 
_pdbx_unobs_or_zero_occ_residues.occupancy_flag 
_pdbx_unobs_or_zero_occ_residues.auth_asym_id 
_pdbx_unobs_or_zero_occ_residues.auth_comp_id 
_pdbx_unobs_or_zero_occ_residues.auth_seq_id 
_pdbx_unobs_or_zero_occ_residues.PDB_ins_code 
_pdbx_unobs_or_zero_occ_residues.label_asym_id 
_pdbx_unobs_or_zero_occ_residues.label_comp_id 
_pdbx_unobs_or_zero_occ_residues.label_seq_id 
1  1 Y 1 A GLY -16 ? A GLY 1  
2  1 Y 1 A SER -15 ? A SER 2  
3  1 Y 1 A HIS -14 ? A HIS 3  
4  1 Y 1 A MSE -13 ? A MSE 4  
5  1 Y 1 A ALA -12 ? A ALA 5  
6  1 Y 1 A SER -11 ? A SER 6  
7  1 Y 1 A MSE -10 ? A MSE 7  
8  1 Y 1 A THR -9  ? A THR 8  
9  1 Y 1 A GLY -8  ? A GLY 9  
10 1 Y 1 A GLY -7  ? A GLY 10 
11 1 Y 1 A GLN -6  ? A GLN 11 
12 1 Y 1 A GLN -5  ? A GLN 12 
13 1 Y 1 A MSE -4  ? A MSE 13 
14 1 Y 1 A GLY -3  ? A GLY 14 
15 1 Y 1 A ARG -2  ? A ARG 15 
16 1 Y 1 A GLY -1  ? A GLY 16 
17 1 Y 1 A SER 0   ? A SER 17 
# 
loop_
_chem_comp_atom.comp_id 
_chem_comp_atom.atom_id 
_chem_comp_atom.type_symbol 
_chem_comp_atom.pdbx_aromatic_flag 
_chem_comp_atom.pdbx_stereo_config 
_chem_comp_atom.pdbx_ordinal 
ALA N    N  N N 1   
ALA CA   C  N S 2   
ALA C    C  N N 3   
ALA O    O  N N 4   
ALA CB   C  N N 5   
ALA OXT  O  N N 6   
ALA H    H  N N 7   
ALA H2   H  N N 8   
ALA HA   H  N N 9   
ALA HB1  H  N N 10  
ALA HB2  H  N N 11  
ALA HB3  H  N N 12  
ALA HXT  H  N N 13  
ARG N    N  N N 14  
ARG CA   C  N S 15  
ARG C    C  N N 16  
ARG O    O  N N 17  
ARG CB   C  N N 18  
ARG CG   C  N N 19  
ARG CD   C  N N 20  
ARG NE   N  N N 21  
ARG CZ   C  N N 22  
ARG NH1  N  N N 23  
ARG NH2  N  N N 24  
ARG OXT  O  N N 25  
ARG H    H  N N 26  
ARG H2   H  N N 27  
ARG HA   H  N N 28  
ARG HB2  H  N N 29  
ARG HB3  H  N N 30  
ARG HG2  H  N N 31  
ARG HG3  H  N N 32  
ARG HD2  H  N N 33  
ARG HD3  H  N N 34  
ARG HE   H  N N 35  
ARG HH11 H  N N 36  
ARG HH12 H  N N 37  
ARG HH21 H  N N 38  
ARG HH22 H  N N 39  
ARG HXT  H  N N 40  
ASN N    N  N N 41  
ASN CA   C  N S 42  
ASN C    C  N N 43  
ASN O    O  N N 44  
ASN CB   C  N N 45  
ASN CG   C  N N 46  
ASN OD1  O  N N 47  
ASN ND2  N  N N 48  
ASN OXT  O  N N 49  
ASN H    H  N N 50  
ASN H2   H  N N 51  
ASN HA   H  N N 52  
ASN HB2  H  N N 53  
ASN HB3  H  N N 54  
ASN HD21 H  N N 55  
ASN HD22 H  N N 56  
ASN HXT  H  N N 57  
ASP N    N  N N 58  
ASP CA   C  N S 59  
ASP C    C  N N 60  
ASP O    O  N N 61  
ASP CB   C  N N 62  
ASP CG   C  N N 63  
ASP OD1  O  N N 64  
ASP OD2  O  N N 65  
ASP OXT  O  N N 66  
ASP H    H  N N 67  
ASP H2   H  N N 68  
ASP HA   H  N N 69  
ASP HB2  H  N N 70  
ASP HB3  H  N N 71  
ASP HD2  H  N N 72  
ASP HXT  H  N N 73  
CYS N    N  N N 74  
CYS CA   C  N R 75  
CYS C    C  N N 76  
CYS O    O  N N 77  
CYS CB   C  N N 78  
CYS SG   S  N N 79  
CYS OXT  O  N N 80  
CYS H    H  N N 81  
CYS H2   H  N N 82  
CYS HA   H  N N 83  
CYS HB2  H  N N 84  
CYS HB3  H  N N 85  
CYS HG   H  N N 86  
CYS HXT  H  N N 87  
GLN N    N  N N 88  
GLN CA   C  N S 89  
GLN C    C  N N 90  
GLN O    O  N N 91  
GLN CB   C  N N 92  
GLN CG   C  N N 93  
GLN CD   C  N N 94  
GLN OE1  O  N N 95  
GLN NE2  N  N N 96  
GLN OXT  O  N N 97  
GLN H    H  N N 98  
GLN H2   H  N N 99  
GLN HA   H  N N 100 
GLN HB2  H  N N 101 
GLN HB3  H  N N 102 
GLN HG2  H  N N 103 
GLN HG3  H  N N 104 
GLN HE21 H  N N 105 
GLN HE22 H  N N 106 
GLN HXT  H  N N 107 
GLU N    N  N N 108 
GLU CA   C  N S 109 
GLU C    C  N N 110 
GLU O    O  N N 111 
GLU CB   C  N N 112 
GLU CG   C  N N 113 
GLU CD   C  N N 114 
GLU OE1  O  N N 115 
GLU OE2  O  N N 116 
GLU OXT  O  N N 117 
GLU H    H  N N 118 
GLU H2   H  N N 119 
GLU HA   H  N N 120 
GLU HB2  H  N N 121 
GLU HB3  H  N N 122 
GLU HG2  H  N N 123 
GLU HG3  H  N N 124 
GLU HE2  H  N N 125 
GLU HXT  H  N N 126 
GLY N    N  N N 127 
GLY CA   C  N N 128 
GLY C    C  N N 129 
GLY O    O  N N 130 
GLY OXT  O  N N 131 
GLY H    H  N N 132 
GLY H2   H  N N 133 
GLY HA2  H  N N 134 
GLY HA3  H  N N 135 
GLY HXT  H  N N 136 
HIS N    N  N N 137 
HIS CA   C  N S 138 
HIS C    C  N N 139 
HIS O    O  N N 140 
HIS CB   C  N N 141 
HIS CG   C  Y N 142 
HIS ND1  N  Y N 143 
HIS CD2  C  Y N 144 
HIS CE1  C  Y N 145 
HIS NE2  N  Y N 146 
HIS OXT  O  N N 147 
HIS H    H  N N 148 
HIS H2   H  N N 149 
HIS HA   H  N N 150 
HIS HB2  H  N N 151 
HIS HB3  H  N N 152 
HIS HD1  H  N N 153 
HIS HD2  H  N N 154 
HIS HE1  H  N N 155 
HIS HE2  H  N N 156 
HIS HXT  H  N N 157 
HOH O    O  N N 158 
HOH H1   H  N N 159 
HOH H2   H  N N 160 
ILE N    N  N N 161 
ILE CA   C  N S 162 
ILE C    C  N N 163 
ILE O    O  N N 164 
ILE CB   C  N S 165 
ILE CG1  C  N N 166 
ILE CG2  C  N N 167 
ILE CD1  C  N N 168 
ILE OXT  O  N N 169 
ILE H    H  N N 170 
ILE H2   H  N N 171 
ILE HA   H  N N 172 
ILE HB   H  N N 173 
ILE HG12 H  N N 174 
ILE HG13 H  N N 175 
ILE HG21 H  N N 176 
ILE HG22 H  N N 177 
ILE HG23 H  N N 178 
ILE HD11 H  N N 179 
ILE HD12 H  N N 180 
ILE HD13 H  N N 181 
ILE HXT  H  N N 182 
LEU N    N  N N 183 
LEU CA   C  N S 184 
LEU C    C  N N 185 
LEU O    O  N N 186 
LEU CB   C  N N 187 
LEU CG   C  N N 188 
LEU CD1  C  N N 189 
LEU CD2  C  N N 190 
LEU OXT  O  N N 191 
LEU H    H  N N 192 
LEU H2   H  N N 193 
LEU HA   H  N N 194 
LEU HB2  H  N N 195 
LEU HB3  H  N N 196 
LEU HG   H  N N 197 
LEU HD11 H  N N 198 
LEU HD12 H  N N 199 
LEU HD13 H  N N 200 
LEU HD21 H  N N 201 
LEU HD22 H  N N 202 
LEU HD23 H  N N 203 
LEU HXT  H  N N 204 
LYS N    N  N N 205 
LYS CA   C  N S 206 
LYS C    C  N N 207 
LYS O    O  N N 208 
LYS CB   C  N N 209 
LYS CG   C  N N 210 
LYS CD   C  N N 211 
LYS CE   C  N N 212 
LYS NZ   N  N N 213 
LYS OXT  O  N N 214 
LYS H    H  N N 215 
LYS H2   H  N N 216 
LYS HA   H  N N 217 
LYS HB2  H  N N 218 
LYS HB3  H  N N 219 
LYS HG2  H  N N 220 
LYS HG3  H  N N 221 
LYS HD2  H  N N 222 
LYS HD3  H  N N 223 
LYS HE2  H  N N 224 
LYS HE3  H  N N 225 
LYS HZ1  H  N N 226 
LYS HZ2  H  N N 227 
LYS HZ3  H  N N 228 
LYS HXT  H  N N 229 
MET N    N  N N 230 
MET CA   C  N S 231 
MET C    C  N N 232 
MET O    O  N N 233 
MET CB   C  N N 234 
MET CG   C  N N 235 
MET SD   S  N N 236 
MET CE   C  N N 237 
MET OXT  O  N N 238 
MET H    H  N N 239 
MET H2   H  N N 240 
MET HA   H  N N 241 
MET HB2  H  N N 242 
MET HB3  H  N N 243 
MET HG2  H  N N 244 
MET HG3  H  N N 245 
MET HE1  H  N N 246 
MET HE2  H  N N 247 
MET HE3  H  N N 248 
MET HXT  H  N N 249 
MSE N    N  N N 250 
MSE CA   C  N S 251 
MSE C    C  N N 252 
MSE O    O  N N 253 
MSE OXT  O  N N 254 
MSE CB   C  N N 255 
MSE CG   C  N N 256 
MSE SE   SE N N 257 
MSE CE   C  N N 258 
MSE H    H  N N 259 
MSE H2   H  N N 260 
MSE HA   H  N N 261 
MSE HXT  H  N N 262 
MSE HB2  H  N N 263 
MSE HB3  H  N N 264 
MSE HG2  H  N N 265 
MSE HG3  H  N N 266 
MSE HE1  H  N N 267 
MSE HE2  H  N N 268 
MSE HE3  H  N N 269 
SER N    N  N N 270 
SER CA   C  N S 271 
SER C    C  N N 272 
SER O    O  N N 273 
SER CB   C  N N 274 
SER OG   O  N N 275 
SER OXT  O  N N 276 
SER H    H  N N 277 
SER H2   H  N N 278 
SER HA   H  N N 279 
SER HB2  H  N N 280 
SER HB3  H  N N 281 
SER HG   H  N N 282 
SER HXT  H  N N 283 
THR N    N  N N 284 
THR CA   C  N S 285 
THR C    C  N N 286 
THR O    O  N N 287 
THR CB   C  N R 288 
THR OG1  O  N N 289 
THR CG2  C  N N 290 
THR OXT  O  N N 291 
THR H    H  N N 292 
THR H2   H  N N 293 
THR HA   H  N N 294 
THR HB   H  N N 295 
THR HG1  H  N N 296 
THR HG21 H  N N 297 
THR HG22 H  N N 298 
THR HG23 H  N N 299 
THR HXT  H  N N 300 
TYR N    N  N N 301 
TYR CA   C  N S 302 
TYR C    C  N N 303 
TYR O    O  N N 304 
TYR CB   C  N N 305 
TYR CG   C  Y N 306 
TYR CD1  C  Y N 307 
TYR CD2  C  Y N 308 
TYR CE1  C  Y N 309 
TYR CE2  C  Y N 310 
TYR CZ   C  Y N 311 
TYR OH   O  N N 312 
TYR OXT  O  N N 313 
TYR H    H  N N 314 
TYR H2   H  N N 315 
TYR HA   H  N N 316 
TYR HB2  H  N N 317 
TYR HB3  H  N N 318 
TYR HD1  H  N N 319 
TYR HD2  H  N N 320 
TYR HE1  H  N N 321 
TYR HE2  H  N N 322 
TYR HH   H  N N 323 
TYR HXT  H  N N 324 
VAL N    N  N N 325 
VAL CA   C  N S 326 
VAL C    C  N N 327 
VAL O    O  N N 328 
VAL CB   C  N N 329 
VAL CG1  C  N N 330 
VAL CG2  C  N N 331 
VAL OXT  O  N N 332 
VAL H    H  N N 333 
VAL H2   H  N N 334 
VAL HA   H  N N 335 
VAL HB   H  N N 336 
VAL HG11 H  N N 337 
VAL HG12 H  N N 338 
VAL HG13 H  N N 339 
VAL HG21 H  N N 340 
VAL HG22 H  N N 341 
VAL HG23 H  N N 342 
VAL HXT  H  N N 343 
# 
loop_
_chem_comp_bond.comp_id 
_chem_comp_bond.atom_id_1 
_chem_comp_bond.atom_id_2 
_chem_comp_bond.value_order 
_chem_comp_bond.pdbx_aromatic_flag 
_chem_comp_bond.pdbx_stereo_config 
_chem_comp_bond.pdbx_ordinal 
ALA N   CA   sing N N 1   
ALA N   H    sing N N 2   
ALA N   H2   sing N N 3   
ALA CA  C    sing N N 4   
ALA CA  CB   sing N N 5   
ALA CA  HA   sing N N 6   
ALA C   O    doub N N 7   
ALA C   OXT  sing N N 8   
ALA CB  HB1  sing N N 9   
ALA CB  HB2  sing N N 10  
ALA CB  HB3  sing N N 11  
ALA OXT HXT  sing N N 12  
ARG N   CA   sing N N 13  
ARG N   H    sing N N 14  
ARG N   H2   sing N N 15  
ARG CA  C    sing N N 16  
ARG CA  CB   sing N N 17  
ARG CA  HA   sing N N 18  
ARG C   O    doub N N 19  
ARG C   OXT  sing N N 20  
ARG CB  CG   sing N N 21  
ARG CB  HB2  sing N N 22  
ARG CB  HB3  sing N N 23  
ARG CG  CD   sing N N 24  
ARG CG  HG2  sing N N 25  
ARG CG  HG3  sing N N 26  
ARG CD  NE   sing N N 27  
ARG CD  HD2  sing N N 28  
ARG CD  HD3  sing N N 29  
ARG NE  CZ   sing N N 30  
ARG NE  HE   sing N N 31  
ARG CZ  NH1  sing N N 32  
ARG CZ  NH2  doub N N 33  
ARG NH1 HH11 sing N N 34  
ARG NH1 HH12 sing N N 35  
ARG NH2 HH21 sing N N 36  
ARG NH2 HH22 sing N N 37  
ARG OXT HXT  sing N N 38  
ASN N   CA   sing N N 39  
ASN N   H    sing N N 40  
ASN N   H2   sing N N 41  
ASN CA  C    sing N N 42  
ASN CA  CB   sing N N 43  
ASN CA  HA   sing N N 44  
ASN C   O    doub N N 45  
ASN C   OXT  sing N N 46  
ASN CB  CG   sing N N 47  
ASN CB  HB2  sing N N 48  
ASN CB  HB3  sing N N 49  
ASN CG  OD1  doub N N 50  
ASN CG  ND2  sing N N 51  
ASN ND2 HD21 sing N N 52  
ASN ND2 HD22 sing N N 53  
ASN OXT HXT  sing N N 54  
ASP N   CA   sing N N 55  
ASP N   H    sing N N 56  
ASP N   H2   sing N N 57  
ASP CA  C    sing N N 58  
ASP CA  CB   sing N N 59  
ASP CA  HA   sing N N 60  
ASP C   O    doub N N 61  
ASP C   OXT  sing N N 62  
ASP CB  CG   sing N N 63  
ASP CB  HB2  sing N N 64  
ASP CB  HB3  sing N N 65  
ASP CG  OD1  doub N N 66  
ASP CG  OD2  sing N N 67  
ASP OD2 HD2  sing N N 68  
ASP OXT HXT  sing N N 69  
CYS N   CA   sing N N 70  
CYS N   H    sing N N 71  
CYS N   H2   sing N N 72  
CYS CA  C    sing N N 73  
CYS CA  CB   sing N N 74  
CYS CA  HA   sing N N 75  
CYS C   O    doub N N 76  
CYS C   OXT  sing N N 77  
CYS CB  SG   sing N N 78  
CYS CB  HB2  sing N N 79  
CYS CB  HB3  sing N N 80  
CYS SG  HG   sing N N 81  
CYS OXT HXT  sing N N 82  
GLN N   CA   sing N N 83  
GLN N   H    sing N N 84  
GLN N   H2   sing N N 85  
GLN CA  C    sing N N 86  
GLN CA  CB   sing N N 87  
GLN CA  HA   sing N N 88  
GLN C   O    doub N N 89  
GLN C   OXT  sing N N 90  
GLN CB  CG   sing N N 91  
GLN CB  HB2  sing N N 92  
GLN CB  HB3  sing N N 93  
GLN CG  CD   sing N N 94  
GLN CG  HG2  sing N N 95  
GLN CG  HG3  sing N N 96  
GLN CD  OE1  doub N N 97  
GLN CD  NE2  sing N N 98  
GLN NE2 HE21 sing N N 99  
GLN NE2 HE22 sing N N 100 
GLN OXT HXT  sing N N 101 
GLU N   CA   sing N N 102 
GLU N   H    sing N N 103 
GLU N   H2   sing N N 104 
GLU CA  C    sing N N 105 
GLU CA  CB   sing N N 106 
GLU CA  HA   sing N N 107 
GLU C   O    doub N N 108 
GLU C   OXT  sing N N 109 
GLU CB  CG   sing N N 110 
GLU CB  HB2  sing N N 111 
GLU CB  HB3  sing N N 112 
GLU CG  CD   sing N N 113 
GLU CG  HG2  sing N N 114 
GLU CG  HG3  sing N N 115 
GLU CD  OE1  doub N N 116 
GLU CD  OE2  sing N N 117 
GLU OE2 HE2  sing N N 118 
GLU OXT HXT  sing N N 119 
GLY N   CA   sing N N 120 
GLY N   H    sing N N 121 
GLY N   H2   sing N N 122 
GLY CA  C    sing N N 123 
GLY CA  HA2  sing N N 124 
GLY CA  HA3  sing N N 125 
GLY C   O    doub N N 126 
GLY C   OXT  sing N N 127 
GLY OXT HXT  sing N N 128 
HIS N   CA   sing N N 129 
HIS N   H    sing N N 130 
HIS N   H2   sing N N 131 
HIS CA  C    sing N N 132 
HIS CA  CB   sing N N 133 
HIS CA  HA   sing N N 134 
HIS C   O    doub N N 135 
HIS C   OXT  sing N N 136 
HIS CB  CG   sing N N 137 
HIS CB  HB2  sing N N 138 
HIS CB  HB3  sing N N 139 
HIS CG  ND1  sing Y N 140 
HIS CG  CD2  doub Y N 141 
HIS ND1 CE1  doub Y N 142 
HIS ND1 HD1  sing N N 143 
HIS CD2 NE2  sing Y N 144 
HIS CD2 HD2  sing N N 145 
HIS CE1 NE2  sing Y N 146 
HIS CE1 HE1  sing N N 147 
HIS NE2 HE2  sing N N 148 
HIS OXT HXT  sing N N 149 
HOH O   H1   sing N N 150 
HOH O   H2   sing N N 151 
ILE N   CA   sing N N 152 
ILE N   H    sing N N 153 
ILE N   H2   sing N N 154 
ILE CA  C    sing N N 155 
ILE CA  CB   sing N N 156 
ILE CA  HA   sing N N 157 
ILE C   O    doub N N 158 
ILE C   OXT  sing N N 159 
ILE CB  CG1  sing N N 160 
ILE CB  CG2  sing N N 161 
ILE CB  HB   sing N N 162 
ILE CG1 CD1  sing N N 163 
ILE CG1 HG12 sing N N 164 
ILE CG1 HG13 sing N N 165 
ILE CG2 HG21 sing N N 166 
ILE CG2 HG22 sing N N 167 
ILE CG2 HG23 sing N N 168 
ILE CD1 HD11 sing N N 169 
ILE CD1 HD12 sing N N 170 
ILE CD1 HD13 sing N N 171 
ILE OXT HXT  sing N N 172 
LEU N   CA   sing N N 173 
LEU N   H    sing N N 174 
LEU N   H2   sing N N 175 
LEU CA  C    sing N N 176 
LEU CA  CB   sing N N 177 
LEU CA  HA   sing N N 178 
LEU C   O    doub N N 179 
LEU C   OXT  sing N N 180 
LEU CB  CG   sing N N 181 
LEU CB  HB2  sing N N 182 
LEU CB  HB3  sing N N 183 
LEU CG  CD1  sing N N 184 
LEU CG  CD2  sing N N 185 
LEU CG  HG   sing N N 186 
LEU CD1 HD11 sing N N 187 
LEU CD1 HD12 sing N N 188 
LEU CD1 HD13 sing N N 189 
LEU CD2 HD21 sing N N 190 
LEU CD2 HD22 sing N N 191 
LEU CD2 HD23 sing N N 192 
LEU OXT HXT  sing N N 193 
LYS N   CA   sing N N 194 
LYS N   H    sing N N 195 
LYS N   H2   sing N N 196 
LYS CA  C    sing N N 197 
LYS CA  CB   sing N N 198 
LYS CA  HA   sing N N 199 
LYS C   O    doub N N 200 
LYS C   OXT  sing N N 201 
LYS CB  CG   sing N N 202 
LYS CB  HB2  sing N N 203 
LYS CB  HB3  sing N N 204 
LYS CG  CD   sing N N 205 
LYS CG  HG2  sing N N 206 
LYS CG  HG3  sing N N 207 
LYS CD  CE   sing N N 208 
LYS CD  HD2  sing N N 209 
LYS CD  HD3  sing N N 210 
LYS CE  NZ   sing N N 211 
LYS CE  HE2  sing N N 212 
LYS CE  HE3  sing N N 213 
LYS NZ  HZ1  sing N N 214 
LYS NZ  HZ2  sing N N 215 
LYS NZ  HZ3  sing N N 216 
LYS OXT HXT  sing N N 217 
MET N   CA   sing N N 218 
MET N   H    sing N N 219 
MET N   H2   sing N N 220 
MET CA  C    sing N N 221 
MET CA  CB   sing N N 222 
MET CA  HA   sing N N 223 
MET C   O    doub N N 224 
MET C   OXT  sing N N 225 
MET CB  CG   sing N N 226 
MET CB  HB2  sing N N 227 
MET CB  HB3  sing N N 228 
MET CG  SD   sing N N 229 
MET CG  HG2  sing N N 230 
MET CG  HG3  sing N N 231 
MET SD  CE   sing N N 232 
MET CE  HE1  sing N N 233 
MET CE  HE2  sing N N 234 
MET CE  HE3  sing N N 235 
MET OXT HXT  sing N N 236 
MSE N   CA   sing N N 237 
MSE N   H    sing N N 238 
MSE N   H2   sing N N 239 
MSE CA  C    sing N N 240 
MSE CA  CB   sing N N 241 
MSE CA  HA   sing N N 242 
MSE C   O    doub N N 243 
MSE C   OXT  sing N N 244 
MSE OXT HXT  sing N N 245 
MSE CB  CG   sing N N 246 
MSE CB  HB2  sing N N 247 
MSE CB  HB3  sing N N 248 
MSE CG  SE   sing N N 249 
MSE CG  HG2  sing N N 250 
MSE CG  HG3  sing N N 251 
MSE SE  CE   sing N N 252 
MSE CE  HE1  sing N N 253 
MSE CE  HE2  sing N N 254 
MSE CE  HE3  sing N N 255 
SER N   CA   sing N N 256 
SER N   H    sing N N 257 
SER N   H2   sing N N 258 
SER CA  C    sing N N 259 
SER CA  CB   sing N N 260 
SER CA  HA   sing N N 261 
SER C   O    doub N N 262 
SER C   OXT  sing N N 263 
SER CB  OG   sing N N 264 
SER CB  HB2  sing N N 265 
SER CB  HB3  sing N N 266 
SER OG  HG   sing N N 267 
SER OXT HXT  sing N N 268 
THR N   CA   sing N N 269 
THR N   H    sing N N 270 
THR N   H2   sing N N 271 
THR CA  C    sing N N 272 
THR CA  CB   sing N N 273 
THR CA  HA   sing N N 274 
THR C   O    doub N N 275 
THR C   OXT  sing N N 276 
THR CB  OG1  sing N N 277 
THR CB  CG2  sing N N 278 
THR CB  HB   sing N N 279 
THR OG1 HG1  sing N N 280 
THR CG2 HG21 sing N N 281 
THR CG2 HG22 sing N N 282 
THR CG2 HG23 sing N N 283 
THR OXT HXT  sing N N 284 
TYR N   CA   sing N N 285 
TYR N   H    sing N N 286 
TYR N   H2   sing N N 287 
TYR CA  C    sing N N 288 
TYR CA  CB   sing N N 289 
TYR CA  HA   sing N N 290 
TYR C   O    doub N N 291 
TYR C   OXT  sing N N 292 
TYR CB  CG   sing N N 293 
TYR CB  HB2  sing N N 294 
TYR CB  HB3  sing N N 295 
TYR CG  CD1  doub Y N 296 
TYR CG  CD2  sing Y N 297 
TYR CD1 CE1  sing Y N 298 
TYR CD1 HD1  sing N N 299 
TYR CD2 CE2  doub Y N 300 
TYR CD2 HD2  sing N N 301 
TYR CE1 CZ   doub Y N 302 
TYR CE1 HE1  sing N N 303 
TYR CE2 CZ   sing Y N 304 
TYR CE2 HE2  sing N N 305 
TYR CZ  OH   sing N N 306 
TYR OH  HH   sing N N 307 
TYR OXT HXT  sing N N 308 
VAL N   CA   sing N N 309 
VAL N   H    sing N N 310 
VAL N   H2   sing N N 311 
VAL CA  C    sing N N 312 
VAL CA  CB   sing N N 313 
VAL CA  HA   sing N N 314 
VAL C   O    doub N N 315 
VAL C   OXT  sing N N 316 
VAL CB  CG1  sing N N 317 
VAL CB  CG2  sing N N 318 
VAL CB  HB   sing N N 319 
VAL CG1 HG11 sing N N 320 
VAL CG1 HG12 sing N N 321 
VAL CG1 HG13 sing N N 322 
VAL CG2 HG21 sing N N 323 
VAL CG2 HG22 sing N N 324 
VAL CG2 HG23 sing N N 325 
VAL OXT HXT  sing N N 326 
# 
_atom_sites.entry_id                    3CZC 
_atom_sites.fract_transf_matrix[1][1]   -0.00530724 
_atom_sites.fract_transf_matrix[1][2]   0.02218444 
_atom_sites.fract_transf_matrix[1][3]   -0.01585249 
_atom_sites.fract_transf_matrix[2][1]   0.01991220 
_atom_sites.fract_transf_matrix[2][2]   0.01077718 
_atom_sites.fract_transf_matrix[2][3]   0.00841551 
_atom_sites.fract_transf_matrix[3][1]   0.00970608 
_atom_sites.fract_transf_matrix[3][2]   -0.00735668 
_atom_sites.fract_transf_matrix[3][3]   -0.01354465 
_atom_sites.fract_transf_vector[1]      0.355885 
_atom_sites.fract_transf_vector[2]      0.715772 
_atom_sites.fract_transf_vector[3]      0.166975 
# 
loop_
_atom_type.symbol 
C  
N  
O  
S  
SE 
# 
loop_
_atom_site.group_PDB 
_atom_site.id 
_atom_site.type_symbol 
_atom_site.label_atom_id 
_atom_site.label_alt_id 
_atom_site.label_comp_id 
_atom_site.label_asym_id 
_atom_site.label_entity_id 
_atom_site.label_seq_id 
_atom_site.pdbx_PDB_ins_code 
_atom_site.Cartn_x 
_atom_site.Cartn_y 
_atom_site.Cartn_z 
_atom_site.occupancy 
_atom_site.B_iso_or_equiv 
_atom_site.pdbx_formal_charge 
_atom_site.auth_seq_id 
_atom_site.auth_comp_id 
_atom_site.auth_asym_id 
_atom_site.auth_atom_id 
_atom_site.pdbx_PDB_model_num 
ATOM   1   N  N   . MET A 1 18  ? -4.607  10.004  -11.017 1.00 30.62 ? 1   MET A N   1 
ATOM   2   C  CA  . MET A 1 18  ? -4.892  8.653   -11.621 1.00 31.12 ? 1   MET A CA  1 
ATOM   3   C  C   . MET A 1 18  ? -4.957  7.520   -10.581 1.00 27.63 ? 1   MET A C   1 
ATOM   4   O  O   . MET A 1 18  ? -6.042  7.286   -10.019 1.00 29.69 ? 1   MET A O   1 
ATOM   5   C  CB  . MET A 1 18  ? -3.878  8.308   -12.720 1.00 30.69 ? 1   MET A CB  1 
ATOM   6   C  CG  . MET A 1 18  ? -4.260  7.136   -13.656 1.00 32.25 ? 1   MET A CG  1 
ATOM   7   S  SD  . MET A 1 18  ? -2.956  6.798   -14.893 1.00 40.52 ? 1   MET A SD  1 
ATOM   8   C  CE  . MET A 1 18  ? -1.735  5.827   -13.976 1.00 38.35 ? 1   MET A CE  1 
ATOM   9   N  N   . VAL A 1 19  ? -3.841  6.804   -10.333 1.00 22.90 ? 2   VAL A N   1 
ATOM   10  C  CA  . VAL A 1 19  ? -3.840  5.726   -9.336  1.00 18.18 ? 2   VAL A CA  1 
ATOM   11  C  C   . VAL A 1 19  ? -3.552  6.276   -7.953  1.00 15.86 ? 2   VAL A C   1 
ATOM   12  O  O   . VAL A 1 19  ? -2.491  6.867   -7.726  1.00 13.64 ? 2   VAL A O   1 
ATOM   13  C  CB  . VAL A 1 19  ? -2.851  4.633   -9.663  1.00 17.45 ? 2   VAL A CB  1 
ATOM   14  C  CG1 . VAL A 1 19  ? -2.791  3.570   -8.540  1.00 17.59 ? 2   VAL A CG1 1 
ATOM   15  C  CG2 . VAL A 1 19  ? -3.232  4.014   -10.969 1.00 19.59 ? 2   VAL A CG2 1 
ATOM   16  N  N   . LYS A 1 20  ? -4.494  6.062   -7.039  1.00 12.47 ? 3   LYS A N   1 
ATOM   17  C  CA  . LYS A 1 20  ? -4.346  6.496   -5.637  1.00 11.81 ? 3   LYS A CA  1 
ATOM   18  C  C   . LYS A 1 20  ? -3.937  5.300   -4.780  1.00 9.97  ? 3   LYS A C   1 
ATOM   19  O  O   . LYS A 1 20  ? -4.639  4.249   -4.739  1.00 8.69  ? 3   LYS A O   1 
ATOM   20  C  CB  . LYS A 1 20  ? -5.672  7.082   -5.104  1.00 11.62 ? 3   LYS A CB  1 
ATOM   21  C  CG  . LYS A 1 20  ? -6.087  8.339   -5.845  1.00 14.77 ? 3   LYS A CG  1 
ATOM   22  C  CD  . LYS A 1 20  ? -7.532  8.675   -5.660  1.00 19.88 ? 3   LYS A CD  1 
ATOM   23  C  CE  . LYS A 1 20  ? -7.677  9.968   -4.849  1.00 25.56 ? 3   LYS A CE  1 
ATOM   24  N  NZ  . LYS A 1 20  ? -8.731  10.933  -5.436  1.00 28.35 ? 3   LYS A NZ  1 
ATOM   25  N  N   . VAL A 1 21  ? -2.823  5.464   -4.090  1.00 8.11  ? 4   VAL A N   1 
ATOM   26  C  CA  . VAL A 1 21  ? -2.336  4.394   -3.217  1.00 8.02  ? 4   VAL A CA  1 
ATOM   27  C  C   . VAL A 1 21  ? -2.196  4.855   -1.755  1.00 7.77  ? 4   VAL A C   1 
ATOM   28  O  O   . VAL A 1 21  ? -1.665  5.946   -1.469  1.00 7.70  ? 4   VAL A O   1 
ATOM   29  C  CB  . VAL A 1 21  ? -1.064  3.721   -3.801  1.00 7.51  ? 4   VAL A CB  1 
ATOM   30  C  CG1 . VAL A 1 21  ? -0.154  4.705   -4.332  1.00 10.76 ? 4   VAL A CG1 1 
ATOM   31  C  CG2 . VAL A 1 21  ? -0.385  2.746   -2.808  1.00 6.78  ? 4   VAL A CG2 1 
ATOM   32  N  N   . LEU A 1 22  ? -2.706  4.027   -0.842  1.00 6.27  ? 5   LEU A N   1 
ATOM   33  C  CA  . LEU A 1 22  ? -2.619  4.317   0.583   1.00 5.77  ? 5   LEU A CA  1 
ATOM   34  C  C   . LEU A 1 22  ? -1.710  3.308   1.215   1.00 6.28  ? 5   LEU A C   1 
ATOM   35  O  O   . LEU A 1 22  ? -1.927  2.101   1.059   1.00 7.47  ? 5   LEU A O   1 
ATOM   36  C  CB  . LEU A 1 22  ? -4.008  4.241   1.267   1.00 4.95  ? 5   LEU A CB  1 
ATOM   37  C  CG  . LEU A 1 22  ? -4.018  4.629   2.764   1.00 3.42  ? 5   LEU A CG  1 
ATOM   38  C  CD1 . LEU A 1 22  ? -3.754  6.087   2.957   1.00 2.00  ? 5   LEU A CD1 1 
ATOM   39  C  CD2 . LEU A 1 22  ? -5.362  4.294   3.364   1.00 4.62  ? 5   LEU A CD2 1 
ATOM   40  N  N   . THR A 1 23  ? -0.686  3.788   1.933   1.00 6.45  ? 6   THR A N   1 
ATOM   41  C  CA  . THR A 1 23  ? 0.132   2.921   2.802   1.00 7.05  ? 6   THR A CA  1 
ATOM   42  C  C   . THR A 1 23  ? -0.406  3.047   4.259   1.00 8.20  ? 6   THR A C   1 
ATOM   43  O  O   . THR A 1 23  ? -0.381  4.143   4.833   1.00 8.15  ? 6   THR A O   1 
ATOM   44  C  CB  . THR A 1 23  ? 1.638   3.309   2.732   1.00 7.53  ? 6   THR A CB  1 
ATOM   45  O  OG1 . THR A 1 23  ? 2.166   2.923   1.457   1.00 8.11  ? 6   THR A OG1 1 
ATOM   46  C  CG2 . THR A 1 23  ? 2.418   2.564   3.810   1.00 7.62  ? 6   THR A CG2 1 
ATOM   47  N  N   . ALA A 1 24  ? -0.941  1.956   4.824   1.00 7.98  ? 7   ALA A N   1 
ATOM   48  C  CA  . ALA A 1 24  ? -1.558  2.001   6.168   1.00 8.83  ? 7   ALA A CA  1 
ATOM   49  C  C   . ALA A 1 24  ? -0.643  1.208   7.074   1.00 9.43  ? 7   ALA A C   1 
ATOM   50  O  O   . ALA A 1 24  ? -0.491  -0.011  6.880   1.00 9.71  ? 7   ALA A O   1 
ATOM   51  C  CB  . ALA A 1 24  ? -2.954  1.380   6.165   1.00 7.26  ? 7   ALA A CB  1 
ATOM   52  N  N   . CYS A 1 25  ? 0.000   1.899   8.024   1.00 9.29  ? 8   CYS A N   1 
ATOM   53  C  CA  . CYS A 1 25  ? 0.983   1.276   8.907   1.00 10.03 ? 8   CYS A CA  1 
ATOM   54  C  C   . CYS A 1 25  ? 1.216   2.148   10.137  1.00 9.48  ? 8   CYS A C   1 
ATOM   55  O  O   . CYS A 1 25  ? 0.903   3.349   10.135  1.00 8.08  ? 8   CYS A O   1 
ATOM   56  C  CB  . CYS A 1 25  ? 2.321   1.030   8.177   1.00 10.39 ? 8   CYS A CB  1 
ATOM   57  S  SG  . CYS A 1 25  ? 3.247   2.545   7.873   1.00 14.93 ? 8   CYS A SG  1 
ATOM   58  N  N   . GLY A 1 26  ? 1.779   1.543   11.183  1.00 9.79  ? 9   GLY A N   1 
ATOM   59  C  CA  . GLY A 1 26  ? 1.948   2.230   12.459  1.00 10.03 ? 9   GLY A CA  1 
ATOM   60  C  C   . GLY A 1 26  ? 3.351   2.766   12.627  1.00 12.21 ? 9   GLY A C   1 
ATOM   61  O  O   . GLY A 1 26  ? 3.721   3.258   13.704  1.00 12.64 ? 9   GLY A O   1 
ATOM   62  N  N   . ASN A 1 27  ? 4.151   2.663   11.575  1.00 12.75 ? 10  ASN A N   1 
ATOM   63  C  CA  . ASN A 1 27  ? 5.507   3.212   11.584  1.00 14.18 ? 10  ASN A CA  1 
ATOM   64  C  C   . ASN A 1 27  ? 5.569   4.728   11.801  1.00 13.95 ? 10  ASN A C   1 
ATOM   65  O  O   . ASN A 1 27  ? 4.599   5.452   11.555  1.00 14.00 ? 10  ASN A O   1 
ATOM   66  C  CB  . ASN A 1 27  ? 6.223   2.873   10.256  1.00 13.54 ? 10  ASN A CB  1 
ATOM   67  C  CG  . ASN A 1 27  ? 6.327   1.367   10.010  1.00 15.86 ? 10  ASN A CG  1 
ATOM   68  O  OD1 . ASN A 1 27  ? 7.410   0.806   10.042  1.00 19.16 ? 10  ASN A OD1 1 
ATOM   69  N  ND2 . ASN A 1 27  ? 5.208   0.711   9.780   1.00 12.84 ? 10  ASN A ND2 1 
ATOM   70  N  N   . GLY A 1 28  ? 6.731   5.200   12.230  1.00 14.40 ? 11  GLY A N   1 
ATOM   71  C  CA  . GLY A 1 28  ? 6.982   6.626   12.358  1.00 15.13 ? 11  GLY A CA  1 
ATOM   72  C  C   . GLY A 1 28  ? 7.017   7.345   11.022  1.00 15.64 ? 11  GLY A C   1 
ATOM   73  O  O   . GLY A 1 28  ? 6.917   6.734   9.961   1.00 14.93 ? 11  GLY A O   1 
HETATM 74  N  N   . MSE A 1 29  ? 7.137   8.654   11.091  1.00 16.75 ? 12  MSE A N   1 
HETATM 75  C  CA  . MSE A 1 29  ? 6.994   9.544   9.926   1.00 17.53 ? 12  MSE A CA  1 
HETATM 76  C  C   . MSE A 1 29  ? 8.011   9.264   8.786   1.00 16.22 ? 12  MSE A C   1 
HETATM 77  O  O   . MSE A 1 29  ? 7.645   9.216   7.611   1.00 15.63 ? 12  MSE A O   1 
HETATM 78  C  CB  . MSE A 1 29  ? 7.162   10.988  10.412  1.00 17.54 ? 12  MSE A CB  1 
HETATM 79  C  CG  . MSE A 1 29  ? 6.493   12.071  9.567   1.00 20.38 ? 12  MSE A CG  1 
HETATM 80  SE SE  . MSE A 1 29  ? 6.882   13.845  10.355  0.20 21.56 ? 12  MSE A SE  1 
HETATM 81  C  CE  . MSE A 1 29  ? 8.826   13.930  9.978   1.00 24.24 ? 12  MSE A CE  1 
ATOM   82  N  N   . GLY A 1 30  ? 9.283   9.109   9.139   1.00 15.37 ? 13  GLY A N   1 
ATOM   83  C  CA  . GLY A 1 30  ? 10.343  8.867   8.158   1.00 14.51 ? 13  GLY A CA  1 
ATOM   84  C  C   . GLY A 1 30  ? 10.150  7.523   7.510   1.00 14.37 ? 13  GLY A C   1 
ATOM   85  O  O   . GLY A 1 30  ? 10.104  7.439   6.288   1.00 13.98 ? 13  GLY A O   1 
ATOM   86  N  N   . SER A 1 31  ? 10.029  6.465   8.322   1.00 13.77 ? 14  SER A N   1 
ATOM   87  C  CA  . SER A 1 31  ? 9.683   5.150   7.790   1.00 14.01 ? 14  SER A CA  1 
ATOM   88  C  C   . SER A 1 31  ? 8.450   5.128   6.874   1.00 13.25 ? 14  SER A C   1 
ATOM   89  O  O   . SER A 1 31  ? 8.501   4.492   5.828   1.00 12.29 ? 14  SER A O   1 
ATOM   90  C  CB  . SER A 1 31  ? 9.461   4.162   8.914   1.00 14.90 ? 14  SER A CB  1 
ATOM   91  O  OG  . SER A 1 31  ? 10.698  3.764   9.461   1.00 18.70 ? 14  SER A OG  1 
ATOM   92  N  N   . SER A 1 32  ? 7.336   5.772   7.293   1.00 12.33 ? 15  SER A N   1 
ATOM   93  C  CA  . SER A 1 32  ? 6.114   5.851   6.458   1.00 11.49 ? 15  SER A CA  1 
ATOM   94  C  C   . SER A 1 32  ? 6.387   6.452   5.070   1.00 10.98 ? 15  SER A C   1 
ATOM   95  O  O   . SER A 1 32  ? 5.825   5.979   4.081   1.00 9.67  ? 15  SER A O   1 
ATOM   96  C  CB  . SER A 1 32  ? 4.984   6.624   7.164   1.00 9.87  ? 15  SER A CB  1 
ATOM   97  O  OG  . SER A 1 32  ? 4.535   5.868   8.286   1.00 12.00 ? 15  SER A OG  1 
HETATM 98  N  N   . MSE A 1 33  ? 7.237   7.476   5.012   1.00 11.47 ? 16  MSE A N   1 
HETATM 99  C  CA  . MSE A 1 33  ? 7.565   8.145   3.738   1.00 14.56 ? 16  MSE A CA  1 
HETATM 100 C  C   . MSE A 1 33  ? 8.383   7.218   2.879   1.00 11.14 ? 16  MSE A C   1 
HETATM 101 O  O   . MSE A 1 33  ? 8.207   7.196   1.686   1.00 11.24 ? 16  MSE A O   1 
HETATM 102 C  CB  . MSE A 1 33  ? 8.359   9.423   3.974   1.00 13.65 ? 16  MSE A CB  1 
HETATM 103 C  CG  . MSE A 1 33  ? 7.528   10.670  4.045   1.00 20.25 ? 16  MSE A CG  1 
HETATM 104 SE SE  . MSE A 1 33  ? 8.742   12.191  4.410   0.55 25.08 ? 16  MSE A SE  1 
HETATM 105 C  CE  . MSE A 1 33  ? 8.408   12.380  6.318   1.00 23.63 ? 16  MSE A CE  1 
ATOM   106 N  N   . VAL A 1 34  ? 9.233   6.411   3.514   1.00 11.07 ? 17  VAL A N   1 
ATOM   107 C  CA  . VAL A 1 34  ? 10.129  5.493   2.799   1.00 11.28 ? 17  VAL A CA  1 
ATOM   108 C  C   . VAL A 1 34  ? 9.298   4.357   2.162   1.00 11.59 ? 17  VAL A C   1 
ATOM   109 O  O   . VAL A 1 34  ? 9.503   3.998   0.983   1.00 11.89 ? 17  VAL A O   1 
ATOM   110 C  CB  . VAL A 1 34  ? 11.266  4.896   3.711   1.00 10.86 ? 17  VAL A CB  1 
ATOM   111 C  CG1 . VAL A 1 34  ? 11.969  3.748   3.007   1.00 11.66 ? 17  VAL A CG1 1 
ATOM   112 C  CG2 . VAL A 1 34  ? 12.324  5.934   4.057   1.00 12.48 ? 17  VAL A CG2 1 
ATOM   113 N  N   . ILE A 1 35  ? 8.372   3.783   2.943   1.00 10.46 ? 18  ILE A N   1 
ATOM   114 C  CA  . ILE A 1 35  ? 7.434   2.768   2.402   1.00 9.65  ? 18  ILE A CA  1 
ATOM   115 C  C   . ILE A 1 35  ? 6.628   3.297   1.215   1.00 9.05  ? 18  ILE A C   1 
ATOM   116 O  O   . ILE A 1 35  ? 6.584   2.643   0.178   1.00 9.17  ? 18  ILE A O   1 
ATOM   117 C  CB  . ILE A 1 35  ? 6.474   2.150   3.520   1.00 9.56  ? 18  ILE A CB  1 
ATOM   118 C  CG1 . ILE A 1 35  ? 7.284   1.549   4.669   1.00 9.56  ? 18  ILE A CG1 1 
ATOM   119 C  CG2 . ILE A 1 35  ? 5.512   1.069   2.870   1.00 9.65  ? 18  ILE A CG2 1 
ATOM   120 C  CD1 . ILE A 1 35  ? 6.546   1.402   6.024   1.00 9.30  ? 18  ILE A CD1 1 
ATOM   121 N  N   . LYS A 1 36  ? 5.968   4.451   1.360   1.00 9.13  ? 19  LYS A N   1 
ATOM   122 C  CA  . LYS A 1 36  ? 5.252   5.112   0.215   1.00 10.82 ? 19  LYS A CA  1 
ATOM   123 C  C   . LYS A 1 36  ? 6.134   5.257   -1.034  1.00 10.96 ? 19  LYS A C   1 
ATOM   124 O  O   . LYS A 1 36  ? 5.719   4.936   -2.162  1.00 10.34 ? 19  LYS A O   1 
ATOM   125 C  CB  . LYS A 1 36  ? 4.757   6.532   0.551   1.00 11.35 ? 19  LYS A CB  1 
ATOM   126 C  CG  . LYS A 1 36  ? 3.637   6.655   1.532   1.00 10.97 ? 19  LYS A CG  1 
ATOM   127 C  CD  . LYS A 1 36  ? 2.987   8.062   1.421   1.00 11.47 ? 19  LYS A CD  1 
ATOM   128 C  CE  . LYS A 1 36  ? 3.922   9.258   1.533   1.00 14.55 ? 19  LYS A CE  1 
ATOM   129 N  NZ  . LYS A 1 36  ? 3.123   10.522  1.331   1.00 12.76 ? 19  LYS A NZ  1 
HETATM 130 N  N   . MSE A 1 37  ? 7.348   5.763   -0.828  1.00 10.66 ? 20  MSE A N   1 
HETATM 131 C  CA  . MSE A 1 37  ? 8.283   5.894   -1.944  1.00 11.59 ? 20  MSE A CA  1 
HETATM 132 C  C   . MSE A 1 37  ? 8.615   4.566   -2.612  1.00 10.38 ? 20  MSE A C   1 
HETATM 133 O  O   . MSE A 1 37  ? 8.650   4.510   -3.843  1.00 10.46 ? 20  MSE A O   1 
HETATM 134 C  CB  . MSE A 1 37  ? 9.566   6.572   -1.460  1.00 11.82 ? 20  MSE A CB  1 
HETATM 135 C  CG  . MSE A 1 37  ? 10.696  6.642   -2.473  1.00 12.66 ? 20  MSE A CG  1 
HETATM 136 SE SE  . MSE A 1 37  ? 12.304  7.227   -1.490  0.65 15.93 ? 20  MSE A SE  1 
HETATM 137 C  CE  . MSE A 1 37  ? 12.683  5.698   -0.718  1.00 8.76  ? 20  MSE A CE  1 
ATOM   138 N  N   . LYS A 1 38  ? 8.884   3.520   -1.813  1.00 9.63  ? 21  LYS A N   1 
ATOM   139 C  CA  . LYS A 1 38  ? 9.231   2.198   -2.336  1.00 9.84  ? 21  LYS A CA  1 
ATOM   140 C  C   . LYS A 1 38  ? 8.030   1.578   -3.135  1.00 8.94  ? 21  LYS A C   1 
ATOM   141 O  O   . LYS A 1 38  ? 8.218   0.950   -4.207  1.00 7.36  ? 21  LYS A O   1 
ATOM   142 C  CB  . LYS A 1 38  ? 9.708   1.253   -1.208  1.00 9.46  ? 21  LYS A CB  1 
ATOM   143 C  CG  . LYS A 1 38  ? 11.113  1.518   -0.666  1.00 10.58 ? 21  LYS A CG  1 
ATOM   144 C  CD  . LYS A 1 38  ? 11.362  0.766   0.667   1.00 12.40 ? 21  LYS A CD  1 
ATOM   145 C  CE  . LYS A 1 38  ? 12.877  0.429   0.859   1.00 17.58 ? 21  LYS A CE  1 
ATOM   146 N  NZ  . LYS A 1 38  ? 13.762  1.573   0.433   1.00 23.07 ? 21  LYS A NZ  1 
ATOM   147 N  N   . VAL A 1 39  ? 6.821   1.748   -2.595  1.00 8.39  ? 22  VAL A N   1 
ATOM   148 C  CA  . VAL A 1 39  ? 5.585   1.322   -3.287  1.00 9.19  ? 22  VAL A CA  1 
ATOM   149 C  C   . VAL A 1 39  ? 5.460   2.046   -4.634  1.00 9.94  ? 22  VAL A C   1 
ATOM   150 O  O   . VAL A 1 39  ? 5.246   1.418   -5.688  1.00 9.76  ? 22  VAL A O   1 
ATOM   151 C  CB  . VAL A 1 39  ? 4.335   1.490   -2.393  1.00 9.29  ? 22  VAL A CB  1 
ATOM   152 C  CG1 . VAL A 1 39  ? 3.042   1.210   -3.183  1.00 8.03  ? 22  VAL A CG1 1 
ATOM   153 C  CG2 . VAL A 1 39  ? 4.417   0.525   -1.188  1.00 9.63  ? 22  VAL A CG2 1 
ATOM   154 N  N   . GLU A 1 40  ? 5.654   3.365   -4.601  1.00 10.51 ? 23  GLU A N   1 
ATOM   155 C  CA  . GLU A 1 40  ? 5.551   4.193   -5.786  1.00 12.40 ? 23  GLU A CA  1 
ATOM   156 C  C   . GLU A 1 40  ? 6.545   3.754   -6.869  1.00 12.24 ? 23  GLU A C   1 
ATOM   157 O  O   . GLU A 1 40  ? 6.173   3.661   -8.033  1.00 12.36 ? 23  GLU A O   1 
ATOM   158 C  CB  . GLU A 1 40  ? 5.747   5.667   -5.405  1.00 12.22 ? 23  GLU A CB  1 
ATOM   159 C  CG  . GLU A 1 40  ? 5.242   6.561   -6.443  1.00 18.69 ? 23  GLU A CG  1 
ATOM   160 C  CD  . GLU A 1 40  ? 5.159   8.019   -6.000  1.00 21.08 ? 23  GLU A CD  1 
ATOM   161 O  OE1 . GLU A 1 40  ? 4.291   8.375   -5.160  1.00 23.15 ? 23  GLU A OE1 1 
ATOM   162 O  OE2 . GLU A 1 40  ? 5.928   8.805   -6.575  1.00 24.36 ? 23  GLU A OE2 1 
ATOM   163 N  N   . ASN A 1 41  ? 7.799   3.467   -6.466  1.00 12.04 ? 24  ASN A N   1 
ATOM   164 C  CA  . ASN A 1 41  ? 8.885   3.023   -7.359  1.00 11.66 ? 24  ASN A CA  1 
ATOM   165 C  C   . ASN A 1 41  ? 8.502   1.727   -8.032  1.00 11.54 ? 24  ASN A C   1 
ATOM   166 O  O   . ASN A 1 41  ? 8.652   1.601   -9.233  1.00 11.79 ? 24  ASN A O   1 
ATOM   167 C  CB  . ASN A 1 41  ? 10.187  2.878   -6.524  1.00 11.42 ? 24  ASN A CB  1 
ATOM   168 C  CG  . ASN A 1 41  ? 11.415  2.400   -7.329  1.00 13.67 ? 24  ASN A CG  1 
ATOM   169 O  OD1 . ASN A 1 41  ? 11.412  1.319   -7.945  1.00 14.22 ? 24  ASN A OD1 1 
ATOM   170 N  ND2 . ASN A 1 41  ? 12.504  3.194   -7.271  1.00 9.49  ? 24  ASN A ND2 1 
ATOM   171 N  N   . ALA A 1 42  ? 7.978   0.770   -7.258  1.00 12.32 ? 25  ALA A N   1 
ATOM   172 C  CA  . ALA A 1 42  ? 7.512   -0.528  -7.806  1.00 12.98 ? 25  ALA A CA  1 
ATOM   173 C  C   . ALA A 1 42  ? 6.351   -0.352  -8.826  1.00 12.80 ? 25  ALA A C   1 
ATOM   174 O  O   . ALA A 1 42  ? 6.301   -1.052  -9.860  1.00 12.40 ? 25  ALA A O   1 
ATOM   175 C  CB  . ALA A 1 42  ? 7.135   -1.525  -6.673  1.00 11.79 ? 25  ALA A CB  1 
ATOM   176 N  N   . LEU A 1 43  ? 5.458   0.607   -8.542  1.00 12.27 ? 26  LEU A N   1 
ATOM   177 C  CA  . LEU A 1 43  ? 4.356   0.898   -9.435  1.00 12.26 ? 26  LEU A CA  1 
ATOM   178 C  C   . LEU A 1 43  ? 4.883   1.467   -10.756 1.00 12.76 ? 26  LEU A C   1 
ATOM   179 O  O   . LEU A 1 43  ? 4.375   1.150   -11.828 1.00 12.63 ? 26  LEU A O   1 
ATOM   180 C  CB  . LEU A 1 43  ? 3.329   1.856   -8.805  1.00 11.00 ? 26  LEU A CB  1 
ATOM   181 C  CG  . LEU A 1 43  ? 2.321   1.226   -7.848  1.00 8.92  ? 26  LEU A CG  1 
ATOM   182 C  CD1 . LEU A 1 43  ? 1.583   2.301   -7.014  1.00 8.85  ? 26  LEU A CD1 1 
ATOM   183 C  CD2 . LEU A 1 43  ? 1.350   0.273   -8.558  1.00 11.33 ? 26  LEU A CD2 1 
ATOM   184 N  N   . ARG A 1 44  ? 5.893   2.320   -10.663 1.00 14.66 ? 27  ARG A N   1 
ATOM   185 C  CA  . ARG A 1 44  ? 6.497   2.893   -11.860 1.00 16.39 ? 27  ARG A CA  1 
ATOM   186 C  C   . ARG A 1 44  ? 7.234   1.850   -12.681 1.00 16.82 ? 27  ARG A C   1 
ATOM   187 O  O   . ARG A 1 44  ? 7.176   1.932   -13.883 1.00 17.26 ? 27  ARG A O   1 
ATOM   188 C  CB  . ARG A 1 44  ? 7.373   4.096   -11.522 1.00 16.17 ? 27  ARG A CB  1 
ATOM   189 C  CG  . ARG A 1 44  ? 6.528   5.218   -10.996 1.00 18.61 ? 27  ARG A CG  1 
ATOM   190 C  CD  . ARG A 1 44  ? 7.337   6.453   -10.730 1.00 25.00 ? 27  ARG A CD  1 
ATOM   191 N  NE  . ARG A 1 44  ? 6.516   7.359   -9.935  1.00 29.17 ? 27  ARG A NE  1 
ATOM   192 C  CZ  . ARG A 1 44  ? 5.650   8.217   -10.460 1.00 31.03 ? 27  ARG A CZ  1 
ATOM   193 N  NH1 . ARG A 1 44  ? 5.507   8.298   -11.781 1.00 34.55 ? 27  ARG A NH1 1 
ATOM   194 N  NH2 . ARG A 1 44  ? 4.933   9.002   -9.682  1.00 30.67 ? 27  ARG A NH2 1 
ATOM   195 N  N   . GLN A 1 45  ? 7.877   0.865   -12.037 1.00 17.71 ? 28  GLN A N   1 
ATOM   196 C  CA  . GLN A 1 45  ? 8.497   -0.267  -12.746 1.00 19.80 ? 28  GLN A CA  1 
ATOM   197 C  C   . GLN A 1 45  ? 7.462   -1.062  -13.576 1.00 19.21 ? 28  GLN A C   1 
ATOM   198 O  O   . GLN A 1 45  ? 7.780   -1.605  -14.643 1.00 18.77 ? 28  GLN A O   1 
ATOM   199 C  CB  . GLN A 1 45  ? 9.142   -1.272  -11.777 1.00 19.58 ? 28  GLN A CB  1 
ATOM   200 C  CG  . GLN A 1 45  ? 10.324  -0.817  -10.960 1.00 23.01 ? 28  GLN A CG  1 
ATOM   201 C  CD  . GLN A 1 45  ? 10.786  -1.899  -9.962  1.00 25.26 ? 28  GLN A CD  1 
ATOM   202 O  OE1 . GLN A 1 45  ? 11.166  -3.025  -10.366 1.00 31.43 ? 28  GLN A OE1 1 
ATOM   203 N  NE2 . GLN A 1 45  ? 10.772  -1.560  -8.653  1.00 28.62 ? 28  GLN A NE2 1 
ATOM   204 N  N   . LEU A 1 46  ? 6.251   -1.181  -13.040 1.00 18.15 ? 29  LEU A N   1 
ATOM   205 C  CA  . LEU A 1 46  ? 5.139   -1.809  -13.745 1.00 17.66 ? 29  LEU A CA  1 
ATOM   206 C  C   . LEU A 1 46  ? 4.525   -0.930  -14.870 1.00 17.48 ? 29  LEU A C   1 
ATOM   207 O  O   . LEU A 1 46  ? 3.632   -1.370  -15.594 1.00 18.04 ? 29  LEU A O   1 
ATOM   208 C  CB  . LEU A 1 46  ? 4.050   -2.181  -12.741 1.00 16.75 ? 29  LEU A CB  1 
ATOM   209 C  CG  . LEU A 1 46  ? 4.354   -3.278  -11.735 1.00 17.35 ? 29  LEU A CG  1 
ATOM   210 C  CD1 . LEU A 1 46  ? 3.243   -3.381  -10.647 1.00 16.44 ? 29  LEU A CD1 1 
ATOM   211 C  CD2 . LEU A 1 46  ? 4.580   -4.632  -12.452 1.00 19.16 ? 29  LEU A CD2 1 
ATOM   212 N  N   . GLY A 1 47  ? 4.969   0.308   -15.005 1.00 17.27 ? 30  GLY A N   1 
ATOM   213 C  CA  . GLY A 1 47  ? 4.496   1.151   -16.104 1.00 17.64 ? 30  GLY A CA  1 
ATOM   214 C  C   . GLY A 1 47  ? 3.378   2.101   -15.725 1.00 17.68 ? 30  GLY A C   1 
ATOM   215 O  O   . GLY A 1 47  ? 2.813   2.764   -16.586 1.00 16.80 ? 30  GLY A O   1 
ATOM   216 N  N   . VAL A 1 48  ? 3.067   2.161   -14.424 1.00 18.67 ? 31  VAL A N   1 
ATOM   217 C  CA  . VAL A 1 48  ? 2.044   3.055   -13.876 1.00 19.69 ? 31  VAL A CA  1 
ATOM   218 C  C   . VAL A 1 48  ? 2.652   4.437   -13.663 1.00 20.85 ? 31  VAL A C   1 
ATOM   219 O  O   . VAL A 1 48  ? 3.501   4.617   -12.812 1.00 22.05 ? 31  VAL A O   1 
ATOM   220 C  CB  . VAL A 1 48  ? 1.474   2.526   -12.547 1.00 19.03 ? 31  VAL A CB  1 
ATOM   221 C  CG1 . VAL A 1 48  ? 0.501   3.516   -11.953 1.00 18.61 ? 31  VAL A CG1 1 
ATOM   222 C  CG2 . VAL A 1 48  ? 0.826   1.194   -12.761 1.00 19.08 ? 31  VAL A CG2 1 
ATOM   223 N  N   . SER A 1 49  ? 2.201   5.418   -14.429 1.00 22.00 ? 32  SER A N   1 
ATOM   224 C  CA  . SER A 1 49  ? 2.921   6.681   -14.496 1.00 23.89 ? 32  SER A CA  1 
ATOM   225 C  C   . SER A 1 49  ? 2.415   7.750   -13.548 1.00 24.29 ? 32  SER A C   1 
ATOM   226 O  O   . SER A 1 49  ? 3.227   8.555   -13.039 1.00 26.16 ? 32  SER A O   1 
ATOM   227 C  CB  . SER A 1 49  ? 2.938   7.219   -15.937 1.00 24.03 ? 32  SER A CB  1 
ATOM   228 O  OG  . SER A 1 49  ? 1.641   7.229   -16.527 1.00 26.69 ? 32  SER A OG  1 
ATOM   229 N  N   . ASP A 1 50  ? 1.103   7.764   -13.302 1.00 23.00 ? 33  ASP A N   1 
ATOM   230 C  CA  . ASP A 1 50  ? 0.462   8.881   -12.612 1.00 22.70 ? 33  ASP A CA  1 
ATOM   231 C  C   . ASP A 1 50  ? -0.090  8.386   -11.244 1.00 20.14 ? 33  ASP A C   1 
ATOM   232 O  O   . ASP A 1 50  ? -1.112  7.695   -11.160 1.00 19.66 ? 33  ASP A O   1 
ATOM   233 C  CB  . ASP A 1 50  ? -0.614  9.461   -13.544 1.00 24.21 ? 33  ASP A CB  1 
ATOM   234 C  CG  . ASP A 1 50  ? -1.330  10.698  -12.983 1.00 29.44 ? 33  ASP A CG  1 
ATOM   235 O  OD1 . ASP A 1 50  ? -0.960  11.244  -11.897 1.00 33.15 ? 33  ASP A OD1 1 
ATOM   236 O  OD2 . ASP A 1 50  ? -2.309  11.124  -13.668 1.00 36.13 ? 33  ASP A OD2 1 
ATOM   237 N  N   . ILE A 1 51  ? 0.631   8.722   -10.179 1.00 16.87 ? 34  ILE A N   1 
ATOM   238 C  CA  . ILE A 1 51  ? 0.392   8.084   -8.882  1.00 14.45 ? 34  ILE A CA  1 
ATOM   239 C  C   . ILE A 1 51  ? 0.247   9.177   -7.820  1.00 13.40 ? 34  ILE A C   1 
ATOM   240 O  O   . ILE A 1 51  ? 1.033   10.105  -7.811  1.00 12.42 ? 34  ILE A O   1 
ATOM   241 C  CB  . ILE A 1 51  ? 1.580   7.144   -8.485  1.00 13.89 ? 34  ILE A CB  1 
ATOM   242 C  CG1 . ILE A 1 51  ? 1.867   6.097   -9.572  1.00 11.57 ? 34  ILE A CG1 1 
ATOM   243 C  CG2 . ILE A 1 51  ? 1.336   6.471   -7.121  1.00 10.41 ? 34  ILE A CG2 1 
ATOM   244 C  CD1 . ILE A 1 51  ? 3.222   5.489   -9.419  1.00 13.06 ? 34  ILE A CD1 1 
ATOM   245 N  N   . GLU A 1 52  ? -0.757  9.032   -6.957  1.00 11.97 ? 35  GLU A N   1 
ATOM   246 C  CA  . GLU A 1 52  ? -0.983  9.874   -5.773  1.00 12.09 ? 35  GLU A CA  1 
ATOM   247 C  C   . GLU A 1 52  ? -0.835  8.930   -4.582  1.00 10.83 ? 35  GLU A C   1 
ATOM   248 O  O   . GLU A 1 52  ? -1.581  7.975   -4.478  1.00 12.00 ? 35  GLU A O   1 
ATOM   249 C  CB  . GLU A 1 52  ? -2.406  10.499  -5.825  1.00 11.75 ? 35  GLU A CB  1 
ATOM   250 C  CG  . GLU A 1 52  ? -2.845  11.158  -4.520  1.00 13.32 ? 35  GLU A CG  1 
ATOM   251 C  CD  . GLU A 1 52  ? -4.210  11.846  -4.590  1.00 15.16 ? 35  GLU A CD  1 
ATOM   252 O  OE1 . GLU A 1 52  ? -4.585  12.317  -5.707  1.00 17.51 ? 35  GLU A OE1 1 
ATOM   253 O  OE2 . GLU A 1 52  ? -4.897  11.901  -3.524  1.00 13.06 ? 35  GLU A OE2 1 
ATOM   254 N  N   . SER A 1 53  ? 0.151   9.160   -3.726  1.00 9.17  ? 36  SER A N   1 
ATOM   255 C  CA  . SER A 1 53  ? 0.463   8.274   -2.591  1.00 9.62  ? 36  SER A CA  1 
ATOM   256 C  C   . SER A 1 53  ? 0.251   8.997   -1.284  1.00 9.30  ? 36  SER A C   1 
ATOM   257 O  O   . SER A 1 53  ? 0.706   10.135  -1.121  1.00 7.96  ? 36  SER A O   1 
ATOM   258 C  CB  . SER A 1 53  ? 1.939   7.812   -2.618  1.00 10.45 ? 36  SER A CB  1 
ATOM   259 O  OG  . SER A 1 53  ? 2.191   6.969   -3.717  1.00 11.95 ? 36  SER A OG  1 
ATOM   260 N  N   . ALA A 1 54  ? -0.411  8.307   -0.351  1.00 8.51  ? 37  ALA A N   1 
ATOM   261 C  CA  . ALA A 1 54  ? -0.666  8.807   0.982   1.00 7.54  ? 37  ALA A CA  1 
ATOM   262 C  C   . ALA A 1 54  ? -0.379  7.708   2.012   1.00 8.16  ? 37  ALA A C   1 
ATOM   263 O  O   . ALA A 1 54  ? -0.310  6.522   1.673   1.00 7.71  ? 37  ALA A O   1 
ATOM   264 C  CB  . ALA A 1 54  ? -2.108  9.323   1.089   1.00 7.72  ? 37  ALA A CB  1 
ATOM   265 N  N   . SER A 1 55  ? -0.133  8.101   3.259   1.00 8.00  ? 38  SER A N   1 
ATOM   266 C  CA  . SER A 1 55  ? -0.012  7.126   4.343   1.00 7.71  ? 38  SER A CA  1 
ATOM   267 C  C   . SER A 1 55  ? -0.791  7.556   5.563   1.00 8.44  ? 38  SER A C   1 
ATOM   268 O  O   . SER A 1 55  ? -1.059  8.748   5.747   1.00 8.56  ? 38  SER A O   1 
ATOM   269 C  CB  . SER A 1 55  ? 1.451   6.931   4.720   1.00 9.13  ? 38  SER A CB  1 
ATOM   270 O  OG  . SER A 1 55  ? 1.938   8.154   5.201   1.00 9.66  ? 38  SER A OG  1 
ATOM   271 N  N   . CYS A 1 56  ? -1.189  6.586   6.392   1.00 8.23  ? 39  CYS A N   1 
ATOM   272 C  CA  . CYS A 1 56  ? -1.812  6.915   7.647   1.00 8.50  ? 39  CYS A CA  1 
ATOM   273 C  C   . CYS A 1 56  ? -1.753  5.606   8.456   1.00 9.45  ? 39  CYS A C   1 
ATOM   274 O  O   . CYS A 1 56  ? -1.120  4.626   8.017   1.00 8.13  ? 39  CYS A O   1 
ATOM   275 C  CB  . CYS A 1 56  ? -3.255  7.408   7.440   1.00 7.69  ? 39  CYS A CB  1 
ATOM   276 S  SG  . CYS A 1 56  ? -4.369  6.118   6.778   1.00 9.76  ? 39  CYS A SG  1 
ATOM   277 N  N   . SER A 1 57  ? -2.375  5.597   9.640   1.00 8.85  ? 40  SER A N   1 
ATOM   278 C  CA  . SER A 1 57  ? -2.310  4.399   10.470  1.00 8.29  ? 40  SER A CA  1 
ATOM   279 C  C   . SER A 1 57  ? -3.296  3.353   9.950   1.00 7.60  ? 40  SER A C   1 
ATOM   280 O  O   . SER A 1 57  ? -4.202  3.679   9.180   1.00 7.46  ? 40  SER A O   1 
ATOM   281 C  CB  . SER A 1 57  ? -2.587  4.741   11.936  1.00 7.95  ? 40  SER A CB  1 
ATOM   282 O  OG  . SER A 1 57  ? -3.969  4.876   12.142  1.00 7.95  ? 40  SER A OG  1 
ATOM   283 N  N   . VAL A 1 58  ? -3.139  2.098   10.384  1.00 6.88  ? 41  VAL A N   1 
ATOM   284 C  CA  . VAL A 1 58  ? -4.125  1.048   10.070  1.00 6.25  ? 41  VAL A CA  1 
ATOM   285 C  C   . VAL A 1 58  ? -5.517  1.454   10.558  1.00 6.91  ? 41  VAL A C   1 
ATOM   286 O  O   . VAL A 1 58  ? -6.500  1.316   9.828   1.00 6.98  ? 41  VAL A O   1 
ATOM   287 C  CB  . VAL A 1 58  ? -3.711  -0.333  10.632  1.00 6.59  ? 41  VAL A CB  1 
ATOM   288 C  CG1 . VAL A 1 58  ? -4.811  -1.378  10.332  1.00 6.32  ? 41  VAL A CG1 1 
ATOM   289 C  CG2 . VAL A 1 58  ? -2.359  -0.819  9.993   1.00 6.10  ? 41  VAL A CG2 1 
ATOM   290 N  N   . GLY A 1 59  ? -5.622  1.961   11.782  1.00 6.83  ? 42  GLY A N   1 
ATOM   291 C  CA  . GLY A 1 59  ? -6.958  2.375   12.289  1.00 7.03  ? 42  GLY A CA  1 
ATOM   292 C  C   . GLY A 1 59  ? -7.550  3.547   11.500  1.00 7.71  ? 42  GLY A C   1 
ATOM   293 O  O   . GLY A 1 59  ? -8.744  3.591   11.241  1.00 7.53  ? 42  GLY A O   1 
ATOM   294 N  N   . GLU A 1 60  ? -6.723  4.506   11.140  1.00 8.36  ? 43  GLU A N   1 
ATOM   295 C  CA  . GLU A 1 60  ? -7.178  5.600   10.247  1.00 9.81  ? 43  GLU A CA  1 
ATOM   296 C  C   . GLU A 1 60  ? -7.588  5.098   8.842   1.00 9.71  ? 43  GLU A C   1 
ATOM   297 O  O   . GLU A 1 60  ? -8.555  5.568   8.257   1.00 9.78  ? 43  GLU A O   1 
ATOM   298 C  CB  . GLU A 1 60  ? -6.093  6.664   10.173  1.00 9.19  ? 43  GLU A CB  1 
ATOM   299 C  CG  . GLU A 1 60  ? -5.925  7.367   11.493  1.00 12.09 ? 43  GLU A CG  1 
ATOM   300 C  CD  . GLU A 1 60  ? -4.582  8.066   11.608  1.00 16.82 ? 43  GLU A CD  1 
ATOM   301 O  OE1 . GLU A 1 60  ? -3.746  7.956   10.679  1.00 15.51 ? 43  GLU A OE1 1 
ATOM   302 O  OE2 . GLU A 1 60  ? -4.365  8.767   12.620  1.00 18.69 ? 43  GLU A OE2 1 
ATOM   303 N  N   . ALA A 1 61  ? -6.895  4.094   8.327   1.00 9.45  ? 44  ALA A N   1 
ATOM   304 C  CA  . ALA A 1 61  ? -7.193  3.587   6.986   1.00 8.98  ? 44  ALA A CA  1 
ATOM   305 C  C   . ALA A 1 61  ? -8.576  2.946   6.886   1.00 9.77  ? 44  ALA A C   1 
ATOM   306 O  O   . ALA A 1 61  ? -9.163  2.936   5.807   1.00 9.90  ? 44  ALA A O   1 
ATOM   307 C  CB  . ALA A 1 61  ? -6.129  2.619   6.532   1.00 8.08  ? 44  ALA A CB  1 
ATOM   308 N  N   . LYS A 1 62  ? -9.111  2.427   7.995   1.00 9.70  ? 45  LYS A N   1 
ATOM   309 C  CA  . LYS A 1 62  ? -10.464 1.878   7.996   1.00 10.15 ? 45  LYS A CA  1 
ATOM   310 C  C   . LYS A 1 62  ? -11.473 2.827   7.383   1.00 10.02 ? 45  LYS A C   1 
ATOM   311 O  O   . LYS A 1 62  ? -12.247 2.435   6.540   1.00 11.23 ? 45  LYS A O   1 
ATOM   312 C  CB  . LYS A 1 62  ? -10.874 1.428   9.420   1.00 11.24 ? 45  LYS A CB  1 
ATOM   313 C  CG  . LYS A 1 62  ? -10.066 0.186   9.861   1.00 9.33  ? 45  LYS A CG  1 
ATOM   314 C  CD  . LYS A 1 62  ? -10.248 -0.158  11.283  1.00 11.59 ? 45  LYS A CD  1 
ATOM   315 C  CE  . LYS A 1 62  ? -9.411  -1.374  11.552  1.00 14.27 ? 45  LYS A CE  1 
ATOM   316 N  NZ  . LYS A 1 62  ? -9.873  -2.003  12.764  1.00 14.54 ? 45  LYS A NZ  1 
ATOM   317 N  N   . GLY A 1 63  ? -11.391 4.087   7.751   1.00 10.44 ? 46  GLY A N   1 
ATOM   318 C  CA  . GLY A 1 63  ? -12.307 5.145   7.284   1.00 10.90 ? 46  GLY A CA  1 
ATOM   319 C  C   . GLY A 1 63  ? -11.916 5.748   5.941   1.00 11.32 ? 46  GLY A C   1 
ATOM   320 O  O   . GLY A 1 63  ? -12.771 6.300   5.241   1.00 11.48 ? 46  GLY A O   1 
ATOM   321 N  N   . LEU A 1 64  ? -10.639 5.611   5.554   1.00 10.23 ? 47  LEU A N   1 
ATOM   322 C  CA  . LEU A 1 64  ? -10.154 6.259   4.316   1.00 9.11  ? 47  LEU A CA  1 
ATOM   323 C  C   . LEU A 1 64  ? -9.921  5.330   3.137   1.00 8.40  ? 47  LEU A C   1 
ATOM   324 O  O   . LEU A 1 64  ? -9.928  5.783   2.008   1.00 6.89  ? 47  LEU A O   1 
ATOM   325 C  CB  . LEU A 1 64  ? -8.865  7.055   4.585   1.00 9.41  ? 47  LEU A CB  1 
ATOM   326 C  CG  . LEU A 1 64  ? -8.915  8.191   5.602   1.00 8.69  ? 47  LEU A CG  1 
ATOM   327 C  CD1 . LEU A 1 64  ? -7.482  8.548   5.998   1.00 9.76  ? 47  LEU A CD1 1 
ATOM   328 C  CD2 . LEU A 1 64  ? -9.686  9.417   5.049   1.00 10.72 ? 47  LEU A CD2 1 
ATOM   329 N  N   . ALA A 1 65  ? -9.710  4.037   3.403   1.00 7.18  ? 48  ALA A N   1 
ATOM   330 C  CA  . ALA A 1 65  ? -9.332  3.055   2.369   1.00 7.33  ? 48  ALA A CA  1 
ATOM   331 C  C   . ALA A 1 65  ? -10.257 2.979   1.156   1.00 8.24  ? 48  ALA A C   1 
ATOM   332 O  O   . ALA A 1 65  ? -9.823  2.634   0.059   1.00 8.65  ? 48  ALA A O   1 
ATOM   333 C  CB  . ALA A 1 65  ? -9.174  1.655   2.996   1.00 7.17  ? 48  ALA A CB  1 
ATOM   334 N  N   . SER A 1 66  ? -11.528 3.293   1.342   1.00 9.83  ? 49  SER A N   1 
ATOM   335 C  CA  . SER A 1 66  ? -12.471 3.286   0.224   1.00 10.84 ? 49  SER A CA  1 
ATOM   336 C  C   . SER A 1 66  ? -12.152 4.335   -0.841  1.00 11.13 ? 49  SER A C   1 
ATOM   337 O  O   . SER A 1 66  ? -12.665 4.253   -1.924  1.00 11.45 ? 49  SER A O   1 
ATOM   338 C  CB  . SER A 1 66  ? -13.930 3.440   0.709   1.00 11.91 ? 49  SER A CB  1 
ATOM   339 O  OG  . SER A 1 66  ? -14.165 4.681   1.348   1.00 14.04 ? 49  SER A OG  1 
ATOM   340 N  N   . ASN A 1 67  ? -11.313 5.314   -0.525  1.00 10.34 ? 50  ASN A N   1 
ATOM   341 C  CA  . ASN A 1 67  ? -10.969 6.386   -1.466  1.00 11.01 ? 50  ASN A CA  1 
ATOM   342 C  C   . ASN A 1 67  ? -9.831  5.996   -2.428  1.00 9.94  ? 50  ASN A C   1 
ATOM   343 O  O   . ASN A 1 67  ? -9.524  6.740   -3.358  1.00 8.32  ? 50  ASN A O   1 
ATOM   344 C  CB  . ASN A 1 67  ? -10.501 7.641   -0.712  1.00 10.17 ? 50  ASN A CB  1 
ATOM   345 C  CG  . ASN A 1 67  ? -11.594 8.288   0.136   1.00 14.99 ? 50  ASN A CG  1 
ATOM   346 O  OD1 . ASN A 1 67  ? -12.777 8.017   -0.024  1.00 12.20 ? 50  ASN A OD1 1 
ATOM   347 N  ND2 . ASN A 1 67  ? -11.182 9.172   1.036   1.00 16.34 ? 50  ASN A ND2 1 
ATOM   348 N  N   . TYR A 1 68  ? -9.215  4.840   -2.176  1.00 8.28  ? 51  TYR A N   1 
ATOM   349 C  CA  . TYR A 1 68  ? -7.955  4.472   -2.809  1.00 7.68  ? 51  TYR A CA  1 
ATOM   350 C  C   . TYR A 1 68  ? -8.078  3.253   -3.707  1.00 7.90  ? 51  TYR A C   1 
ATOM   351 O  O   . TYR A 1 68  ? -8.840  2.340   -3.416  1.00 8.27  ? 51  TYR A O   1 
ATOM   352 C  CB  . TYR A 1 68  ? -6.892  4.204   -1.724  1.00 7.37  ? 51  TYR A CB  1 
ATOM   353 C  CG  . TYR A 1 68  ? -6.509  5.508   -1.069  1.00 6.70  ? 51  TYR A CG  1 
ATOM   354 C  CD1 . TYR A 1 68  ? -5.467  6.285   -1.592  1.00 6.14  ? 51  TYR A CD1 1 
ATOM   355 C  CD2 . TYR A 1 68  ? -7.262  6.011   0.003   1.00 7.72  ? 51  TYR A CD2 1 
ATOM   356 C  CE1 . TYR A 1 68  ? -5.154  7.514   -1.015  1.00 7.75  ? 51  TYR A CE1 1 
ATOM   357 C  CE2 . TYR A 1 68  ? -6.958  7.244   0.586   1.00 7.55  ? 51  TYR A CE2 1 
ATOM   358 C  CZ  . TYR A 1 68  ? -5.905  7.978   0.069   1.00 6.17  ? 51  TYR A CZ  1 
ATOM   359 O  OH  . TYR A 1 68  ? -5.625  9.201   0.629   1.00 9.25  ? 51  TYR A OH  1 
ATOM   360 N  N   . ASP A 1 69  ? -7.301  3.262   -4.779  1.00 6.99  ? 52  ASP A N   1 
ATOM   361 C  CA  . ASP A 1 69  ? -7.237  2.142   -5.730  1.00 9.06  ? 52  ASP A CA  1 
ATOM   362 C  C   . ASP A 1 69  ? -6.477  0.952   -5.169  1.00 8.27  ? 52  ASP A C   1 
ATOM   363 O  O   . ASP A 1 69  ? -6.802  -0.208  -5.460  1.00 7.72  ? 52  ASP A O   1 
ATOM   364 C  CB  . ASP A 1 69  ? -6.550  2.609   -7.008  1.00 7.44  ? 52  ASP A CB  1 
ATOM   365 C  CG  . ASP A 1 69  ? -7.294  3.788   -7.668  1.00 11.70 ? 52  ASP A CG  1 
ATOM   366 O  OD1 . ASP A 1 69  ? -8.475  3.628   -8.027  1.00 15.80 ? 52  ASP A OD1 1 
ATOM   367 O  OD2 . ASP A 1 69  ? -6.724  4.871   -7.821  1.00 11.08 ? 52  ASP A OD2 1 
ATOM   368 N  N   . ILE A 1 70  ? -5.409  1.267   -4.428  1.00 7.57  ? 53  ILE A N   1 
ATOM   369 C  CA  . ILE A 1 70  ? -4.512  0.275   -3.831  1.00 7.29  ? 53  ILE A CA  1 
ATOM   370 C  C   . ILE A 1 70  ? -4.276  0.647   -2.384  1.00 8.06  ? 53  ILE A C   1 
ATOM   371 O  O   . ILE A 1 70  ? -3.986  1.811   -2.066  1.00 8.37  ? 53  ILE A O   1 
ATOM   372 C  CB  . ILE A 1 70  ? -3.127  0.227   -4.564  1.00 7.87  ? 53  ILE A CB  1 
ATOM   373 C  CG1 . ILE A 1 70  ? -3.327  -0.069  -6.065  1.00 7.42  ? 53  ILE A CG1 1 
ATOM   374 C  CG2 . ILE A 1 70  ? -2.183  -0.856  -3.881  1.00 5.87  ? 53  ILE A CG2 1 
ATOM   375 C  CD1 . ILE A 1 70  ? -2.060  0.091   -6.857  1.00 7.48  ? 53  ILE A CD1 1 
ATOM   376 N  N   . VAL A 1 71  ? -4.373  -0.344  -1.504  1.00 7.46  ? 54  VAL A N   1 
ATOM   377 C  CA  . VAL A 1 71  ? -4.108  -0.139  -0.085  1.00 7.07  ? 54  VAL A CA  1 
ATOM   378 C  C   . VAL A 1 71  ? -3.066  -1.181  0.321   1.00 7.38  ? 54  VAL A C   1 
ATOM   379 O  O   . VAL A 1 71  ? -3.249  -2.402  0.102   1.00 6.56  ? 54  VAL A O   1 
ATOM   380 C  CB  . VAL A 1 71  ? -5.430  -0.230  0.788   1.00 7.92  ? 54  VAL A CB  1 
ATOM   381 C  CG1 . VAL A 1 71  ? -5.112  -0.099  2.308   1.00 9.02  ? 54  VAL A CG1 1 
ATOM   382 C  CG2 . VAL A 1 71  ? -6.450  0.836   0.349   1.00 6.44  ? 54  VAL A CG2 1 
ATOM   383 N  N   . VAL A 1 72  ? -1.973  -0.689  0.885   1.00 7.32  ? 55  VAL A N   1 
ATOM   384 C  CA  . VAL A 1 72  ? -0.805  -1.521  1.291   1.00 7.18  ? 55  VAL A CA  1 
ATOM   385 C  C   . VAL A 1 72  ? -0.677  -1.537  2.818   1.00 7.50  ? 55  VAL A C   1 
ATOM   386 O  O   . VAL A 1 72  ? -0.719  -0.496  3.439   1.00 7.73  ? 55  VAL A O   1 
ATOM   387 C  CB  . VAL A 1 72  ? 0.524   -0.973  0.690   1.00 7.49  ? 55  VAL A CB  1 
ATOM   388 C  CG1 . VAL A 1 72  ? 1.729   -1.811  1.148   1.00 10.41 ? 55  VAL A CG1 1 
ATOM   389 C  CG2 . VAL A 1 72  ? 0.470   -0.948  -0.861  1.00 7.01  ? 55  VAL A CG2 1 
ATOM   390 N  N   . ALA A 1 73  ? -0.479  -2.709  3.414   1.00 7.61  ? 56  ALA A N   1 
ATOM   391 C  CA  . ALA A 1 73  ? -0.373  -2.806  4.857   1.00 8.28  ? 56  ALA A CA  1 
ATOM   392 C  C   . ALA A 1 73  ? 0.375   -4.075  5.234   1.00 9.07  ? 56  ALA A C   1 
ATOM   393 O  O   . ALA A 1 73  ? 0.566   -4.951  4.396   1.00 7.77  ? 56  ALA A O   1 
ATOM   394 C  CB  . ALA A 1 73  ? -1.782  -2.827  5.494   1.00 8.41  ? 56  ALA A CB  1 
ATOM   395 N  N   . SER A 1 74  ? 0.774   -4.174  6.511   1.00 9.50  ? 57  SER A N   1 
ATOM   396 C  CA  . SER A 1 74  ? 1.358   -5.394  7.033   1.00 9.89  ? 57  SER A CA  1 
ATOM   397 C  C   . SER A 1 74  ? 0.399   -6.541  6.783   1.00 9.70  ? 57  SER A C   1 
ATOM   398 O  O   . SER A 1 74  ? -0.804  -6.416  7.040   1.00 8.33  ? 57  SER A O   1 
ATOM   399 C  CB  . SER A 1 74  ? 1.631   -5.236  8.543   1.00 10.05 ? 57  SER A CB  1 
ATOM   400 O  OG  . SER A 1 74  ? 2.025   -6.459  9.127   1.00 12.75 ? 57  SER A OG  1 
ATOM   401 N  N   . ASN A 1 75  ? 0.931   -7.651  6.265   1.00 10.57 ? 58  ASN A N   1 
ATOM   402 C  CA  . ASN A 1 75  ? 0.181   -8.918  6.140   1.00 11.78 ? 58  ASN A CA  1 
ATOM   403 C  C   . ASN A 1 75  ? -0.487  -9.365  7.439   1.00 11.79 ? 58  ASN A C   1 
ATOM   404 O  O   . ASN A 1 75  ? -1.549  -10.019 7.416   1.00 12.38 ? 58  ASN A O   1 
ATOM   405 C  CB  . ASN A 1 75  ? 1.131   -10.047 5.716   1.00 11.88 ? 58  ASN A CB  1 
ATOM   406 C  CG  . ASN A 1 75  ? 0.881   -10.562 4.314   1.00 13.84 ? 58  ASN A CG  1 
ATOM   407 O  OD1 . ASN A 1 75  ? 1.804   -11.131 3.711   1.00 22.40 ? 58  ASN A OD1 1 
ATOM   408 N  ND2 . ASN A 1 75  ? -0.333  -10.420 3.797   1.00 12.30 ? 58  ASN A ND2 1 
ATOM   409 N  N   . HIS A 1 76  ? 0.138   -9.035  8.568   1.00 11.40 ? 59  HIS A N   1 
ATOM   410 C  CA  . HIS A 1 76  ? -0.399  -9.389  9.907   1.00 11.74 ? 59  HIS A CA  1 
ATOM   411 C  C   . HIS A 1 76  ? -1.619  -8.586  10.315  1.00 11.30 ? 59  HIS A C   1 
ATOM   412 O  O   . HIS A 1 76  ? -2.432  -9.018  11.178  1.00 11.79 ? 59  HIS A O   1 
ATOM   413 C  CB  . HIS A 1 76  ? 0.685   -9.231  10.958  1.00 12.55 ? 59  HIS A CB  1 
ATOM   414 C  CG  . HIS A 1 76  ? 1.988   -9.835  10.542  1.00 14.90 ? 59  HIS A CG  1 
ATOM   415 N  ND1 . HIS A 1 76  ? 2.066   -11.002 9.807   1.00 19.06 ? 59  HIS A ND1 1 
ATOM   416 C  CD2 . HIS A 1 76  ? 3.263   -9.443  10.762  1.00 18.27 ? 59  HIS A CD2 1 
ATOM   417 C  CE1 . HIS A 1 76  ? 3.332   -11.287 9.568   1.00 19.15 ? 59  HIS A CE1 1 
ATOM   418 N  NE2 . HIS A 1 76  ? 4.079   -10.364 10.148  1.00 20.16 ? 59  HIS A NE2 1 
ATOM   419 N  N   . LEU A 1 77  ? -1.779  -7.437  9.674   1.00 10.05 ? 60  LEU A N   1 
ATOM   420 C  CA  . LEU A 1 77  ? -2.884  -6.563  9.969   1.00 9.98  ? 60  LEU A CA  1 
ATOM   421 C  C   . LEU A 1 77  ? -3.895  -6.341  8.835   1.00 11.05 ? 60  LEU A C   1 
ATOM   422 O  O   . LEU A 1 77  ? -4.863  -5.614  9.044   1.00 12.20 ? 60  LEU A O   1 
ATOM   423 C  CB  . LEU A 1 77  ? -2.317  -5.188  10.418  1.00 9.87  ? 60  LEU A CB  1 
ATOM   424 C  CG  . LEU A 1 77  ? -1.562  -5.158  11.745  1.00 8.10  ? 60  LEU A CG  1 
ATOM   425 C  CD1 . LEU A 1 77  ? -0.895  -3.793  12.041  1.00 4.84  ? 60  LEU A CD1 1 
ATOM   426 C  CD2 . LEU A 1 77  ? -2.523  -5.634  12.901  1.00 8.61  ? 60  LEU A CD2 1 
ATOM   427 N  N   . ILE A 1 78  ? -3.756  -6.955  7.658   1.00 12.41 ? 61  ILE A N   1 
ATOM   428 C  CA  . ILE A 1 78  ? -4.657  -6.547  6.544   1.00 13.09 ? 61  ILE A CA  1 
ATOM   429 C  C   . ILE A 1 78  ? -6.089  -6.999  6.824   1.00 12.49 ? 61  ILE A C   1 
ATOM   430 O  O   . ILE A 1 78  ? -7.053  -6.407  6.335   1.00 11.39 ? 61  ILE A O   1 
ATOM   431 C  CB  . ILE A 1 78  ? -4.226  -7.004  5.063   1.00 14.21 ? 61  ILE A CB  1 
ATOM   432 C  CG1 . ILE A 1 78  ? -3.283  -8.139  5.089   1.00 13.92 ? 61  ILE A CG1 1 
ATOM   433 C  CG2 . ILE A 1 78  ? -3.676  -5.885  4.149   1.00 15.97 ? 61  ILE A CG2 1 
ATOM   434 C  CD1 . ILE A 1 78  ? -4.010  -9.370  5.405   1.00 20.63 ? 61  ILE A CD1 1 
ATOM   435 N  N   . HIS A 1 79  ? -6.226  -8.048  7.622   1.00 12.82 ? 62  HIS A N   1 
ATOM   436 C  CA  . HIS A 1 79  ? -7.547  -8.484  8.077   1.00 12.91 ? 62  HIS A CA  1 
ATOM   437 C  C   . HIS A 1 79  ? -8.315  -7.314  8.740   1.00 12.86 ? 62  HIS A C   1 
ATOM   438 O  O   . HIS A 1 79  ? -9.526  -7.331  8.764   1.00 13.77 ? 62  HIS A O   1 
ATOM   439 C  CB  . HIS A 1 79  ? -7.423  -9.680  9.063   1.00 13.86 ? 62  HIS A CB  1 
ATOM   440 C  CG  . HIS A 1 79  ? -6.877  -9.308  10.412  1.00 12.40 ? 62  HIS A CG  1 
ATOM   441 N  ND1 . HIS A 1 79  ? -5.540  -9.432  10.732  1.00 12.16 ? 62  HIS A ND1 1 
ATOM   442 C  CD2 . HIS A 1 79  ? -7.490  -8.843  11.528  1.00 11.76 ? 62  HIS A CD2 1 
ATOM   443 C  CE1 . HIS A 1 79  ? -5.348  -9.037  11.977  1.00 10.37 ? 62  HIS A CE1 1 
ATOM   444 N  NE2 . HIS A 1 79  ? -6.520  -8.692  12.490  1.00 13.02 ? 62  HIS A NE2 1 
ATOM   445 N  N   . GLU A 1 80  ? -7.623  -6.314  9.291   1.00 11.97 ? 63  GLU A N   1 
ATOM   446 C  CA  . GLU A 1 80  ? -8.321  -5.154  9.882   1.00 12.29 ? 63  GLU A CA  1 
ATOM   447 C  C   . GLU A 1 80  ? -8.996  -4.303  8.778   1.00 12.74 ? 63  GLU A C   1 
ATOM   448 O  O   . GLU A 1 80  ? -9.852  -3.447  9.071   1.00 12.79 ? 63  GLU A O   1 
ATOM   449 C  CB  . GLU A 1 80  ? -7.330  -4.243  10.608  1.00 12.91 ? 63  GLU A CB  1 
ATOM   450 C  CG  . GLU A 1 80  ? -6.531  -4.872  11.763  1.00 13.27 ? 63  GLU A CG  1 
ATOM   451 C  CD  . GLU A 1 80  ? -7.277  -4.742  13.064  1.00 13.59 ? 63  GLU A CD  1 
ATOM   452 O  OE1 . GLU A 1 80  ? -7.844  -3.678  13.284  1.00 15.68 ? 63  GLU A OE1 1 
ATOM   453 O  OE2 . GLU A 1 80  ? -7.296  -5.677  13.867  1.00 12.88 ? 63  GLU A OE2 1 
ATOM   454 N  N   . LEU A 1 81  ? -8.558  -4.494  7.531   1.00 12.28 ? 64  LEU A N   1 
ATOM   455 C  CA  . LEU A 1 81  ? -8.959  -3.609  6.398   1.00 14.10 ? 64  LEU A CA  1 
ATOM   456 C  C   . LEU A 1 81  ? -9.844  -4.317  5.360   1.00 15.24 ? 64  LEU A C   1 
ATOM   457 O  O   . LEU A 1 81  ? -10.378 -3.698  4.447   1.00 14.83 ? 64  LEU A O   1 
ATOM   458 C  CB  . LEU A 1 81  ? -7.712  -2.951  5.719   1.00 13.28 ? 64  LEU A CB  1 
ATOM   459 C  CG  . LEU A 1 81  ? -6.851  -2.010  6.608   1.00 12.86 ? 64  LEU A CG  1 
ATOM   460 C  CD1 . LEU A 1 81  ? -5.558  -1.530  5.959   1.00 12.27 ? 64  LEU A CD1 1 
ATOM   461 C  CD2 . LEU A 1 81  ? -7.655  -0.788  7.093   1.00 10.16 ? 64  LEU A CD2 1 
ATOM   462 N  N   . ASP A 1 82  ? -9.972  -5.624  5.513   1.00 17.23 ? 65  ASP A N   1 
ATOM   463 C  CA  . ASP A 1 82  ? -10.842 -6.446  4.680   1.00 18.86 ? 65  ASP A CA  1 
ATOM   464 C  C   . ASP A 1 82  ? -12.260 -5.915  4.829   1.00 18.90 ? 65  ASP A C   1 
ATOM   465 O  O   . ASP A 1 82  ? -12.742 -5.677  5.943   1.00 19.28 ? 65  ASP A O   1 
ATOM   466 C  CB  . ASP A 1 82  ? -10.738 -7.907  5.146   1.00 20.20 ? 65  ASP A CB  1 
ATOM   467 C  CG  . ASP A 1 82  ? -11.458 -8.878  4.230   1.00 24.75 ? 65  ASP A CG  1 
ATOM   468 O  OD1 . ASP A 1 82  ? -10.996 -9.071  3.089   1.00 30.53 ? 65  ASP A OD1 1 
ATOM   469 O  OD2 . ASP A 1 82  ? -12.485 -9.451  4.644   1.00 29.35 ? 65  ASP A OD2 1 
ATOM   470 N  N   . GLY A 1 83  ? -12.903 -5.680  3.699   1.00 18.35 ? 66  GLY A N   1 
ATOM   471 C  CA  . GLY A 1 83  ? -14.199 -5.049  3.652   1.00 18.74 ? 66  GLY A CA  1 
ATOM   472 C  C   . GLY A 1 83  ? -14.235 -3.518  3.718   1.00 18.15 ? 66  GLY A C   1 
ATOM   473 O  O   . GLY A 1 83  ? -15.324 -2.941  3.630   1.00 18.49 ? 66  GLY A O   1 
ATOM   474 N  N   . ARG A 1 84  ? -13.081 -2.852  3.901   1.00 16.57 ? 67  ARG A N   1 
ATOM   475 C  CA  A ARG A 1 84  ? -13.070 -1.386  4.055   0.50 15.60 ? 67  ARG A CA  1 
ATOM   476 C  CA  B ARG A 1 84  ? -13.082 -1.389  4.048   0.50 16.37 ? 67  ARG A CA  1 
ATOM   477 C  C   . ARG A 1 84  ? -12.837 -0.676  2.724   1.00 15.86 ? 67  ARG A C   1 
ATOM   478 O  O   . ARG A 1 84  ? -12.995 0.549   2.615   1.00 15.27 ? 67  ARG A O   1 
ATOM   479 C  CB  A ARG A 1 84  ? -12.017 -0.944  5.084   0.50 15.17 ? 67  ARG A CB  1 
ATOM   480 C  CB  B ARG A 1 84  ? -12.058 -0.948  5.096   0.50 16.27 ? 67  ARG A CB  1 
ATOM   481 C  CG  A ARG A 1 84  ? -12.085 -1.687  6.429   0.50 12.29 ? 67  ARG A CG  1 
ATOM   482 C  CG  B ARG A 1 84  ? -12.652 -0.405  6.395   0.50 17.53 ? 67  ARG A CG  1 
ATOM   483 C  CD  A ARG A 1 84  ? -13.504 -1.779  6.918   0.50 12.24 ? 67  ARG A CD  1 
ATOM   484 C  CD  B ARG A 1 84  ? -13.461 -1.391  7.198   0.50 17.65 ? 67  ARG A CD  1 
ATOM   485 N  NE  A ARG A 1 84  ? -14.024 -0.510  7.421   0.50 10.09 ? 67  ARG A NE  1 
ATOM   486 N  NE  B ARG A 1 84  ? -14.817 -1.574  6.674   0.50 17.53 ? 67  ARG A NE  1 
ATOM   487 C  CZ  A ARG A 1 84  ? -14.098 -0.206  8.721   0.50 10.20 ? 67  ARG A CZ  1 
ATOM   488 C  CZ  B ARG A 1 84  ? -15.581 -2.627  6.961   0.50 18.27 ? 67  ARG A CZ  1 
ATOM   489 N  NH1 A ARG A 1 84  ? -13.709 -1.077  9.652   0.50 11.70 ? 67  ARG A NH1 1 
ATOM   490 N  NH1 B ARG A 1 84  ? -15.116 -3.571  7.774   0.50 19.08 ? 67  ARG A NH1 1 
ATOM   491 N  NH2 A ARG A 1 84  ? -14.581 0.960   9.091   0.50 7.49  ? 67  ARG A NH2 1 
ATOM   492 N  NH2 B ARG A 1 84  ? -16.789 -2.753  6.427   0.50 18.31 ? 67  ARG A NH2 1 
ATOM   493 N  N   . THR A 1 85  ? -12.458 -1.456  1.716   1.00 15.34 ? 68  THR A N   1 
ATOM   494 C  CA  . THR A 1 85  ? -12.214 -0.926  0.382   1.00 14.71 ? 68  THR A CA  1 
ATOM   495 C  C   . THR A 1 85  ? -12.620 -1.916  -0.712  1.00 14.31 ? 68  THR A C   1 
ATOM   496 O  O   . THR A 1 85  ? -12.593 -3.129  -0.518  1.00 13.07 ? 68  THR A O   1 
ATOM   497 C  CB  . THR A 1 85  ? -10.728 -0.503  0.210   1.00 14.54 ? 68  THR A CB  1 
ATOM   498 O  OG1 . THR A 1 85  ? -10.563 0.176   -1.046  1.00 14.63 ? 68  THR A OG1 1 
ATOM   499 C  CG2 . THR A 1 85  ? -9.764  -1.703  0.309   1.00 14.73 ? 68  THR A CG2 1 
ATOM   500 N  N   . ASN A 1 86  ? -13.013 -1.369  -1.855  1.00 14.49 ? 69  ASN A N   1 
ATOM   501 C  CA  . ASN A 1 86  ? -13.215 -2.167  -3.071  1.00 14.89 ? 69  ASN A CA  1 
ATOM   502 C  C   . ASN A 1 86  ? -11.955 -2.250  -3.925  1.00 15.01 ? 69  ASN A C   1 
ATOM   503 O  O   . ASN A 1 86  ? -11.949 -2.938  -4.955  1.00 16.32 ? 69  ASN A O   1 
ATOM   504 C  CB  . ASN A 1 86  ? -14.385 -1.621  -3.859  1.00 14.03 ? 69  ASN A CB  1 
ATOM   505 C  CG  . ASN A 1 86  ? -15.698 -1.741  -3.092  1.00 17.84 ? 69  ASN A CG  1 
ATOM   506 O  OD1 . ASN A 1 86  ? -16.445 -0.753  -2.919  1.00 22.03 ? 69  ASN A OD1 1 
ATOM   507 N  ND2 . ASN A 1 86  ? -15.986 -2.940  -2.616  1.00 14.64 ? 69  ASN A ND2 1 
ATOM   508 N  N   . GLY A 1 87  ? -10.883 -1.584  -3.486  1.00 14.04 ? 70  GLY A N   1 
ATOM   509 C  CA  . GLY A 1 87  ? -9.592  -1.648  -4.168  1.00 14.22 ? 70  GLY A CA  1 
ATOM   510 C  C   . GLY A 1 87  ? -8.744  -2.891  -3.883  1.00 15.03 ? 70  GLY A C   1 
ATOM   511 O  O   . GLY A 1 87  ? -9.181  -3.806  -3.177  1.00 14.77 ? 70  GLY A O   1 
ATOM   512 N  N   . LYS A 1 88  ? -7.526  -2.914  -4.443  1.00 13.84 ? 71  LYS A N   1 
ATOM   513 C  CA  . LYS A 1 88  ? -6.556  -3.980  -4.194  1.00 14.22 ? 71  LYS A CA  1 
ATOM   514 C  C   . LYS A 1 88  ? -5.939  -3.844  -2.836  1.00 14.34 ? 71  LYS A C   1 
ATOM   515 O  O   . LYS A 1 88  ? -5.240  -2.889  -2.583  1.00 13.87 ? 71  LYS A O   1 
ATOM   516 C  CB  . LYS A 1 88  ? -5.421  -3.897  -5.224  1.00 13.78 ? 71  LYS A CB  1 
ATOM   517 C  CG  . LYS A 1 88  ? -5.911  -3.957  -6.663  1.00 15.81 ? 71  LYS A CG  1 
ATOM   518 C  CD  . LYS A 1 88  ? -6.095  -5.406  -7.125  1.00 19.60 ? 71  LYS A CD  1 
ATOM   519 C  CE  . LYS A 1 88  ? -6.535  -5.445  -8.579  1.00 21.02 ? 71  LYS A CE  1 
ATOM   520 N  NZ  . LYS A 1 88  ? -6.518  -6.853  -8.976  1.00 23.04 ? 71  LYS A NZ  1 
ATOM   521 N  N   . LEU A 1 89  ? -6.129  -4.828  -1.972  1.00 15.21 ? 72  LEU A N   1 
ATOM   522 C  CA  . LEU A 1 89  ? -5.543  -4.789  -0.626  1.00 15.98 ? 72  LEU A CA  1 
ATOM   523 C  C   . LEU A 1 89  ? -4.265  -5.592  -0.706  1.00 15.96 ? 72  LEU A C   1 
ATOM   524 O  O   . LEU A 1 89  ? -4.332  -6.779  -0.964  1.00 16.58 ? 72  LEU A O   1 
ATOM   525 C  CB  . LEU A 1 89  ? -6.523  -5.446  0.380   1.00 16.34 ? 72  LEU A CB  1 
ATOM   526 C  CG  . LEU A 1 89  ? -6.590  -5.054  1.873   1.00 18.94 ? 72  LEU A CG  1 
ATOM   527 C  CD1 . LEU A 1 89  ? -6.741  -3.538  2.099   1.00 21.31 ? 72  LEU A CD1 1 
ATOM   528 C  CD2 . LEU A 1 89  ? -7.716  -5.821  2.643   1.00 18.17 ? 72  LEU A CD2 1 
ATOM   529 N  N   . ILE A 1 90  ? -3.106  -4.978  -0.491  1.00 14.50 ? 73  ILE A N   1 
ATOM   530 C  CA  . ILE A 1 90  ? -1.833  -5.687  -0.632  1.00 15.69 ? 73  ILE A CA  1 
ATOM   531 C  C   . ILE A 1 90  ? -1.117  -5.839  0.723   1.00 14.33 ? 73  ILE A C   1 
ATOM   532 O  O   . ILE A 1 90  ? -0.836  -4.855  1.377   1.00 13.62 ? 73  ILE A O   1 
ATOM   533 C  CB  . ILE A 1 90  ? -0.905  -4.972  -1.691  1.00 16.59 ? 73  ILE A CB  1 
ATOM   534 C  CG1 . ILE A 1 90  ? -1.652  -4.873  -3.058  1.00 17.55 ? 73  ILE A CG1 1 
ATOM   535 C  CG2 . ILE A 1 90  ? 0.546   -5.585  -1.714  1.00 17.34 ? 73  ILE A CG2 1 
ATOM   536 C  CD1 . ILE A 1 90  ? -0.823  -4.729  -4.283  1.00 18.10 ? 73  ILE A CD1 1 
ATOM   537 N  N   . GLY A 1 91  ? -0.862  -7.080  1.135   1.00 12.56 ? 74  GLY A N   1 
ATOM   538 C  CA  . GLY A 1 91  ? -0.178  -7.373  2.391   1.00 11.83 ? 74  GLY A CA  1 
ATOM   539 C  C   . GLY A 1 91  ? 1.294   -7.723  2.253   1.00 12.12 ? 74  GLY A C   1 
ATOM   540 O  O   . GLY A 1 91  ? 1.678   -8.508  1.401   1.00 11.77 ? 74  GLY A O   1 
ATOM   541 N  N   . LEU A 1 92  ? 2.113   -7.152  3.122   1.00 12.32 ? 75  LEU A N   1 
ATOM   542 C  CA  . LEU A 1 92  ? 3.553   -7.394  3.118   1.00 12.61 ? 75  LEU A CA  1 
ATOM   543 C  C   . LEU A 1 92  ? 4.030   -7.939  4.455   1.00 13.45 ? 75  LEU A C   1 
ATOM   544 O  O   . LEU A 1 92  ? 3.696   -7.377  5.493   1.00 13.45 ? 75  LEU A O   1 
ATOM   545 C  CB  . LEU A 1 92  ? 4.287   -6.087  2.837   1.00 11.38 ? 75  LEU A CB  1 
ATOM   546 C  CG  . LEU A 1 92  ? 3.955   -5.419  1.492   1.00 11.39 ? 75  LEU A CG  1 
ATOM   547 C  CD1 . LEU A 1 92  ? 4.425   -3.985  1.505   1.00 12.09 ? 75  LEU A CD1 1 
ATOM   548 C  CD2 . LEU A 1 92  ? 4.621   -6.171  0.383   1.00 9.96  ? 75  LEU A CD2 1 
ATOM   549 N  N   . ASP A 1 93  ? 4.829   -9.009  4.428   1.00 14.41 ? 76  ASP A N   1 
ATOM   550 C  CA  . ASP A 1 93  ? 5.522   -9.492  5.651   1.00 15.88 ? 76  ASP A CA  1 
ATOM   551 C  C   . ASP A 1 93  ? 6.559   -8.495  6.124   1.00 15.76 ? 76  ASP A C   1 
ATOM   552 O  O   . ASP A 1 93  ? 6.671   -8.267  7.319   1.00 16.52 ? 76  ASP A O   1 
ATOM   553 C  CB  . ASP A 1 93  ? 6.208   -10.848 5.439   1.00 16.96 ? 76  ASP A CB  1 
ATOM   554 C  CG  . ASP A 1 93  ? 5.231   -11.946 5.032   1.00 19.14 ? 76  ASP A CG  1 
ATOM   555 O  OD1 . ASP A 1 93  ? 4.072   -11.961 5.520   1.00 23.44 ? 76  ASP A OD1 1 
ATOM   556 O  OD2 . ASP A 1 93  ? 5.633   -12.791 4.206   1.00 24.01 ? 76  ASP A OD2 1 
ATOM   557 N  N   . ASN A 1 94  ? 7.311   -7.915  5.188   1.00 16.26 ? 77  ASN A N   1 
ATOM   558 C  CA  . ASN A 1 94  ? 8.217   -6.802  5.443   1.00 17.06 ? 77  ASN A CA  1 
ATOM   559 C  C   . ASN A 1 94  ? 7.915   -5.613  4.514   1.00 16.53 ? 77  ASN A C   1 
ATOM   560 O  O   . ASN A 1 94  ? 8.099   -5.702  3.285   1.00 16.32 ? 77  ASN A O   1 
ATOM   561 C  CB  . ASN A 1 94  ? 9.683   -7.266  5.287   1.00 18.69 ? 77  ASN A CB  1 
ATOM   562 C  CG  . ASN A 1 94  ? 10.731  -6.162  5.659   1.00 23.25 ? 77  ASN A CG  1 
ATOM   563 O  OD1 . ASN A 1 94  ? 10.394  -5.010  6.010   1.00 28.40 ? 77  ASN A OD1 1 
ATOM   564 N  ND2 . ASN A 1 94  ? 12.013  -6.524  5.557   1.00 29.26 ? 77  ASN A ND2 1 
ATOM   565 N  N   . LEU A 1 95  ? 7.464   -4.510  5.111   1.00 15.74 ? 78  LEU A N   1 
ATOM   566 C  CA  . LEU A 1 95  ? 7.066   -3.290  4.397   1.00 16.61 ? 78  LEU A CA  1 
ATOM   567 C  C   . LEU A 1 95  ? 8.213   -2.525  3.714   1.00 17.16 ? 78  LEU A C   1 
ATOM   568 O  O   . LEU A 1 95  ? 7.970   -1.711  2.845   1.00 16.23 ? 78  LEU A O   1 
ATOM   569 C  CB  . LEU A 1 95  ? 6.281   -2.337  5.322   1.00 16.43 ? 78  LEU A CB  1 
ATOM   570 C  CG  . LEU A 1 95  ? 4.853   -2.708  5.807   1.00 15.82 ? 78  LEU A CG  1 
ATOM   571 C  CD1 . LEU A 1 95  ? 4.526   -1.893  7.088   1.00 14.25 ? 78  LEU A CD1 1 
ATOM   572 C  CD2 . LEU A 1 95  ? 3.818   -2.495  4.735   1.00 15.34 ? 78  LEU A CD2 1 
HETATM 573 N  N   . MSE A 1 96  ? 9.451   -2.821  4.088   1.00 18.35 ? 79  MSE A N   1 
HETATM 574 C  CA  . MSE A 1 96  ? 10.604  -2.166  3.475   1.00 20.69 ? 79  MSE A CA  1 
HETATM 575 C  C   . MSE A 1 96  ? 11.309  -2.999  2.414   1.00 20.05 ? 79  MSE A C   1 
HETATM 576 O  O   . MSE A 1 96  ? 12.276  -2.544  1.850   1.00 20.74 ? 79  MSE A O   1 
HETATM 577 C  CB  . MSE A 1 96  ? 11.633  -1.822  4.535   1.00 22.80 ? 79  MSE A CB  1 
HETATM 578 C  CG  . MSE A 1 96  ? 11.086  -1.024  5.678   1.00 27.75 ? 79  MSE A CG  1 
HETATM 579 SE SE  . MSE A 1 96  ? 11.275  0.893   5.510   0.65 37.96 ? 79  MSE A SE  1 
HETATM 580 C  CE  . MSE A 1 96  ? 10.847  1.169   7.284   1.00 30.14 ? 79  MSE A CE  1 
ATOM   581 N  N   . ASP A 1 97  ? 10.838  -4.216  2.174   1.00 19.03 ? 80  ASP A N   1 
ATOM   582 C  CA  . ASP A 1 97  ? 11.487  -5.138  1.261   1.00 18.62 ? 80  ASP A CA  1 
ATOM   583 C  C   . ASP A 1 97  ? 11.010  -4.885  -0.184  1.00 18.41 ? 80  ASP A C   1 
ATOM   584 O  O   . ASP A 1 97  ? 9.951   -5.335  -0.577  1.00 17.69 ? 80  ASP A O   1 
ATOM   585 C  CB  . ASP A 1 97  ? 11.175  -6.542  1.740   1.00 17.84 ? 80  ASP A CB  1 
ATOM   586 C  CG  . ASP A 1 97  ? 11.864  -7.645  0.920   1.00 19.52 ? 80  ASP A CG  1 
ATOM   587 O  OD1 . ASP A 1 97  ? 12.406  -7.426  -0.175  1.00 21.58 ? 80  ASP A OD1 1 
ATOM   588 O  OD2 . ASP A 1 97  ? 11.798  -8.790  1.380   1.00 20.72 ? 80  ASP A OD2 1 
ATOM   589 N  N   . ASP A 1 98  ? 11.833  -4.166  -0.957  1.00 19.20 ? 81  ASP A N   1 
ATOM   590 C  CA  . ASP A 1 98  ? 11.555  -3.775  -2.344  1.00 19.25 ? 81  ASP A CA  1 
ATOM   591 C  C   . ASP A 1 98  ? 11.193  -4.955  -3.205  1.00 18.95 ? 81  ASP A C   1 
ATOM   592 O  O   . ASP A 1 98  ? 10.345  -4.820  -4.119  1.00 18.81 ? 81  ASP A O   1 
ATOM   593 C  CB  . ASP A 1 98  ? 12.750  -3.049  -2.973  1.00 20.44 ? 81  ASP A CB  1 
ATOM   594 C  CG  . ASP A 1 98  ? 12.975  -1.679  -2.389  1.00 22.09 ? 81  ASP A CG  1 
ATOM   595 O  OD1 . ASP A 1 98  ? 12.172  -0.772  -2.638  1.00 23.21 ? 81  ASP A OD1 1 
ATOM   596 O  OD2 . ASP A 1 98  ? 13.986  -1.476  -1.706  1.00 27.87 ? 81  ASP A OD2 1 
ATOM   597 N  N   . ASN A 1 99  ? 11.794  -6.119  -2.913  1.00 18.66 ? 82  ASN A N   1 
ATOM   598 C  CA  A ASN A 1 99  ? 11.509  -7.310  -3.710  0.50 18.40 ? 82  ASN A CA  1 
ATOM   599 C  CA  B ASN A 1 99  ? 11.530  -7.320  -3.697  0.50 18.38 ? 82  ASN A CA  1 
ATOM   600 C  C   . ASN A 1 99  ? 10.147  -7.933  -3.428  1.00 17.74 ? 82  ASN A C   1 
ATOM   601 O  O   . ASN A 1 99  ? 9.454   -8.338  -4.373  1.00 18.36 ? 82  ASN A O   1 
ATOM   602 C  CB  A ASN A 1 99  ? 12.599  -8.380  -3.628  0.50 19.19 ? 82  ASN A CB  1 
ATOM   603 C  CB  B ASN A 1 99  ? 12.669  -8.341  -3.549  0.50 19.15 ? 82  ASN A CB  1 
ATOM   604 C  CG  A ASN A 1 99  ? 12.228  -9.629  -4.418  0.50 20.89 ? 82  ASN A CG  1 
ATOM   605 C  CG  B ASN A 1 99  ? 13.863  -8.021  -4.447  0.50 20.75 ? 82  ASN A CG  1 
ATOM   606 O  OD1 A ASN A 1 99  ? 12.155  -10.729 -3.865  0.50 23.63 ? 82  ASN A OD1 1 
ATOM   607 O  OD1 B ASN A 1 99  ? 13.700  -7.606  -5.602  0.50 23.83 ? 82  ASN A OD1 1 
ATOM   608 N  ND2 A ASN A 1 99  ? 11.923  -9.450  -5.709  0.50 21.80 ? 82  ASN A ND2 1 
ATOM   609 N  ND2 B ASN A 1 99  ? 15.074  -8.207  -3.916  0.50 21.70 ? 82  ASN A ND2 1 
ATOM   610 N  N   . GLU A 1 100 ? 9.750   -8.011  -2.149  1.00 15.39 ? 83  GLU A N   1 
ATOM   611 C  CA  . GLU A 1 100 ? 8.419   -8.445  -1.797  1.00 13.60 ? 83  GLU A CA  1 
ATOM   612 C  C   . GLU A 1 100 ? 7.384   -7.422  -2.301  1.00 12.65 ? 83  GLU A C   1 
ATOM   613 O  O   . GLU A 1 100 ? 6.309   -7.798  -2.757  1.00 12.27 ? 83  GLU A O   1 
ATOM   614 C  CB  . GLU A 1 100 ? 8.256   -8.623  -0.282  1.00 12.70 ? 83  GLU A CB  1 
ATOM   615 C  CG  . GLU A 1 100 ? 7.093   -9.512  0.031   1.00 13.27 ? 83  GLU A CG  1 
ATOM   616 C  CD  . GLU A 1 100 ? 6.645   -9.468  1.492   1.00 12.01 ? 83  GLU A CD  1 
ATOM   617 O  OE1 . GLU A 1 100 ? 7.388   -8.973  2.345   1.00 12.47 ? 83  GLU A OE1 1 
ATOM   618 O  OE2 . GLU A 1 100 ? 5.521   -9.926  1.771   1.00 14.15 ? 83  GLU A OE2 1 
ATOM   619 N  N   . ILE A 1 101 ? 7.714   -6.134  -2.168  1.00 13.23 ? 84  ILE A N   1 
ATOM   620 C  CA  . ILE A 1 101 ? 6.832   -5.053  -2.621  1.00 13.05 ? 84  ILE A CA  1 
ATOM   621 C  C   . ILE A 1 101 ? 6.501   -5.306  -4.122  1.00 13.99 ? 84  ILE A C   1 
ATOM   622 O  O   . ILE A 1 101 ? 5.329   -5.464  -4.475  1.00 11.90 ? 84  ILE A O   1 
ATOM   623 C  CB  . ILE A 1 101 ? 7.430   -3.640  -2.376  1.00 12.66 ? 84  ILE A CB  1 
ATOM   624 C  CG1 . ILE A 1 101 ? 7.384   -3.284  -0.869  1.00 11.14 ? 84  ILE A CG1 1 
ATOM   625 C  CG2 . ILE A 1 101 ? 6.613   -2.590  -3.150  1.00 12.56 ? 84  ILE A CG2 1 
ATOM   626 C  CD1 . ILE A 1 101 ? 8.236   -2.088  -0.477  1.00 12.47 ? 84  ILE A CD1 1 
ATOM   627 N  N   . LYS A 1 102 ? 7.545   -5.433  -4.948  1.00 14.78 ? 85  LYS A N   1 
ATOM   628 C  CA  . LYS A 1 102 ? 7.412   -5.650  -6.394  1.00 17.03 ? 85  LYS A CA  1 
ATOM   629 C  C   . LYS A 1 102 ? 6.655   -6.931  -6.682  1.00 16.93 ? 85  LYS A C   1 
ATOM   630 O  O   . LYS A 1 102 ? 5.777   -6.952  -7.523  1.00 16.85 ? 85  LYS A O   1 
ATOM   631 C  CB  . LYS A 1 102 ? 8.798   -5.686  -7.045  1.00 17.47 ? 85  LYS A CB  1 
ATOM   632 C  CG  . LYS A 1 102 ? 8.793   -6.037  -8.555  1.00 20.95 ? 85  LYS A CG  1 
ATOM   633 C  CD  . LYS A 1 102 ? 10.230  -6.194  -9.127  1.00 21.43 ? 85  LYS A CD  1 
ATOM   634 C  CE  . LYS A 1 102 ? 10.847  -7.592  -8.822  1.00 28.78 ? 85  LYS A CE  1 
ATOM   635 N  NZ  . LYS A 1 102 ? 11.504  -8.205  -10.042 1.00 32.18 ? 85  LYS A NZ  1 
ATOM   636 N  N   . THR A 1 103 ? 6.971   -7.999  -5.957  1.00 17.29 ? 86  THR A N   1 
ATOM   637 C  CA  . THR A 1 103 ? 6.301   -9.283  -6.165  1.00 18.71 ? 86  THR A CA  1 
ATOM   638 C  C   . THR A 1 103 ? 4.815   -9.196  -5.861  1.00 17.68 ? 86  THR A C   1 
ATOM   639 O  O   . THR A 1 103 ? 4.022   -9.644  -6.653  1.00 17.97 ? 86  THR A O   1 
ATOM   640 C  CB  . THR A 1 103 ? 6.952   -10.399 -5.312  1.00 19.30 ? 86  THR A CB  1 
ATOM   641 O  OG1 . THR A 1 103 ? 8.246   -10.679 -5.848  1.00 22.06 ? 86  THR A OG1 1 
ATOM   642 C  CG2 . THR A 1 103 ? 6.124   -11.689 -5.308  1.00 20.77 ? 86  THR A CG2 1 
ATOM   643 N  N   . LYS A 1 104 ? 4.456   -8.632  -4.703  1.00 17.35 ? 87  LYS A N   1 
ATOM   644 C  CA  . LYS A 1 104 ? 3.042   -8.533  -4.277  1.00 16.70 ? 87  LYS A CA  1 
ATOM   645 C  C   . LYS A 1 104 ? 2.216   -7.604  -5.170  1.00 15.97 ? 87  LYS A C   1 
ATOM   646 O  O   . LYS A 1 104 ? 1.054   -7.897  -5.470  1.00 16.40 ? 87  LYS A O   1 
ATOM   647 C  CB  . LYS A 1 104 ? 2.934   -8.075  -2.803  1.00 16.62 ? 87  LYS A CB  1 
ATOM   648 C  CG  . LYS A 1 104 ? 3.478   -9.069  -1.777  1.00 19.21 ? 87  LYS A CG  1 
ATOM   649 C  CD  . LYS A 1 104 ? 2.956   -10.507 -1.998  1.00 24.05 ? 87  LYS A CD  1 
ATOM   650 C  CE  . LYS A 1 104 ? 2.279   -11.084 -0.740  1.00 28.49 ? 87  LYS A CE  1 
ATOM   651 N  NZ  . LYS A 1 104 ? 3.282   -11.413 0.324   1.00 29.41 ? 87  LYS A NZ  1 
ATOM   652 N  N   . LEU A 1 105 ? 2.799   -6.491  -5.593  1.00 15.43 ? 88  LEU A N   1 
ATOM   653 C  CA  . LEU A 1 105 ? 2.132   -5.631  -6.588  1.00 15.92 ? 88  LEU A CA  1 
ATOM   654 C  C   . LEU A 1 105 ? 1.960   -6.348  -7.921  1.00 16.84 ? 88  LEU A C   1 
ATOM   655 O  O   . LEU A 1 105 ? 0.871   -6.326  -8.487  1.00 15.52 ? 88  LEU A O   1 
ATOM   656 C  CB  . LEU A 1 105 ? 2.872   -4.295  -6.796  1.00 15.83 ? 88  LEU A CB  1 
ATOM   657 C  CG  . LEU A 1 105 ? 2.783   -3.296  -5.632  1.00 17.25 ? 88  LEU A CG  1 
ATOM   658 C  CD1 . LEU A 1 105 ? 3.838   -2.207  -5.774  1.00 18.99 ? 88  LEU A CD1 1 
ATOM   659 C  CD2 . LEU A 1 105 ? 1.370   -2.653  -5.502  1.00 19.06 ? 88  LEU A CD2 1 
ATOM   660 N  N   . GLU A 1 106 ? 3.012   -7.003  -8.430  1.00 17.26 ? 89  GLU A N   1 
ATOM   661 C  CA  . GLU A 1 106 ? 2.808   -7.774  -9.661  1.00 19.05 ? 89  GLU A CA  1 
ATOM   662 C  C   . GLU A 1 106 ? 1.673   -8.767  -9.548  1.00 18.88 ? 89  GLU A C   1 
ATOM   663 O  O   . GLU A 1 106 ? 0.854   -8.854  -10.468 1.00 18.95 ? 89  GLU A O   1 
ATOM   664 C  CB  . GLU A 1 106 ? 4.065   -8.494  -10.117 1.00 19.99 ? 89  GLU A CB  1 
ATOM   665 C  CG  . GLU A 1 106 ? 5.134   -7.551  -10.547 1.00 24.57 ? 89  GLU A CG  1 
ATOM   666 C  CD  . GLU A 1 106 ? 6.304   -8.237  -11.231 1.00 29.97 ? 89  GLU A CD  1 
ATOM   667 O  OE1 . GLU A 1 106 ? 6.225   -9.456  -11.542 1.00 31.37 ? 89  GLU A OE1 1 
ATOM   668 O  OE2 . GLU A 1 106 ? 7.304   -7.521  -11.448 1.00 32.12 ? 89  GLU A OE2 1 
ATOM   669 N  N   . GLU A 1 107 ? 1.617   -9.485  -8.412  1.00 19.03 ? 90  GLU A N   1 
ATOM   670 C  CA  . GLU A 1 107 ? 0.648   -10.535 -8.190  1.00 19.16 ? 90  GLU A CA  1 
ATOM   671 C  C   . GLU A 1 107 ? -0.749  -9.960  -8.137  1.00 18.32 ? 90  GLU A C   1 
ATOM   672 O  O   . GLU A 1 107 ? -1.671  -10.564 -8.666  1.00 18.59 ? 90  GLU A O   1 
ATOM   673 C  CB  . GLU A 1 107 ? 0.975   -11.392 -6.951  1.00 18.86 ? 90  GLU A CB  1 
ATOM   674 C  CG  . GLU A 1 107 ? 2.251   -12.268 -7.122  1.00 21.62 ? 90  GLU A CG  1 
ATOM   675 C  CD  . GLU A 1 107 ? 2.634   -13.107 -5.869  1.00 23.90 ? 90  GLU A CD  1 
ATOM   676 O  OE1 . GLU A 1 107 ? 2.027   -12.929 -4.770  1.00 28.12 ? 90  GLU A OE1 1 
ATOM   677 O  OE2 . GLU A 1 107 ? 3.572   -13.933 -5.992  1.00 28.36 ? 90  GLU A OE2 1 
ATOM   678 N  N   . ALA A 1 108 ? -0.905  -8.776  -7.556  1.00 17.67 ? 91  ALA A N   1 
ATOM   679 C  CA  . ALA A 1 108 ? -2.227  -8.102  -7.500  1.00 16.87 ? 91  ALA A CA  1 
ATOM   680 C  C   . ALA A 1 108 ? -2.717  -7.479  -8.800  1.00 16.45 ? 91  ALA A C   1 
ATOM   681 O  O   . ALA A 1 108 ? -3.915  -7.456  -9.071  1.00 15.41 ? 91  ALA A O   1 
ATOM   682 C  CB  . ALA A 1 108 ? -2.210  -7.011  -6.414  1.00 16.09 ? 91  ALA A CB  1 
ATOM   683 N  N   . LEU A 1 109 ? -1.796  -6.915  -9.570  1.00 16.00 ? 92  LEU A N   1 
ATOM   684 C  CA  . LEU A 1 109 ? -2.154  -6.094  -10.715 1.00 16.72 ? 92  LEU A CA  1 
ATOM   685 C  C   . LEU A 1 109 ? -1.918  -6.723  -12.094 1.00 17.31 ? 92  LEU A C   1 
ATOM   686 O  O   . LEU A 1 109 ? -2.618  -6.379  -13.047 1.00 17.59 ? 92  LEU A O   1 
ATOM   687 C  CB  . LEU A 1 109 ? -1.408  -4.749  -10.664 1.00 15.95 ? 92  LEU A CB  1 
ATOM   688 C  CG  . LEU A 1 109 ? -1.445  -3.907  -9.374  1.00 18.02 ? 92  LEU A CG  1 
ATOM   689 C  CD1 . LEU A 1 109 ? -0.749  -2.594  -9.677  1.00 16.58 ? 92  LEU A CD1 1 
ATOM   690 C  CD2 . LEU A 1 109 ? -2.876  -3.662  -8.915  1.00 18.55 ? 92  LEU A CD2 1 
ATOM   691 N  N   . LYS A 1 110 ? -0.932  -7.606  -12.204 1.00 17.97 ? 93  LYS A N   1 
ATOM   692 C  CA  . LYS A 1 110 ? -0.573  -8.201  -13.500 1.00 20.06 ? 93  LYS A CA  1 
ATOM   693 C  C   . LYS A 1 110 ? -1.527  -9.337  -13.834 1.00 20.05 ? 93  LYS A C   1 
ATOM   694 O  O   . LYS A 1 110 ? -1.918  -9.403  -15.010 1.00 20.73 ? 93  LYS A O   1 
ATOM   695 C  CB  . LYS A 1 110 ? 0.888   -8.683  -13.523 1.00 20.89 ? 93  LYS A CB  1 
ATOM   696 C  CG  . LYS A 1 110 ? 1.607   -8.430  -14.834 1.00 25.27 ? 93  LYS A CG  1 
ATOM   697 C  CD  . LYS A 1 110 ? 3.132   -8.273  -14.643 1.00 30.06 ? 93  LYS A CD  1 
ATOM   698 C  CE  . LYS A 1 110 ? 3.824   -7.733  -15.903 1.00 33.15 ? 93  LYS A CE  1 
ATOM   699 N  NZ  . LYS A 1 110 ? 3.739   -8.661  -17.097 1.00 34.28 ? 93  LYS A NZ  1 
ATOM   700 O  OXT . LYS A 1 110 ? -1.947  -10.134 -12.965 1.00 18.75 ? 93  LYS A OXT 1 
HETATM 701 O  O   . HOH B 2 .   ? 1.835   -1.404  10.840  1.00 5.64  ? 94  HOH A O   1 
HETATM 702 O  O   . HOH B 2 .   ? -1.196  1.383   12.864  1.00 6.25  ? 95  HOH A O   1 
HETATM 703 O  O   . HOH B 2 .   ? 0.328   -2.224  8.395   1.00 5.65  ? 96  HOH A O   1 
HETATM 704 O  O   . HOH B 2 .   ? 1.197   4.778   -0.453  1.00 6.39  ? 97  HOH A O   1 
HETATM 705 O  O   . HOH B 2 .   ? -3.951  10.826  -1.152  1.00 14.93 ? 98  HOH A O   1 
HETATM 706 O  O   . HOH B 2 .   ? 2.970   4.717   -2.668  1.00 9.55  ? 99  HOH A O   1 
HETATM 707 O  O   . HOH B 2 .   ? -10.371 -5.053  -6.379  1.00 20.74 ? 100 HOH A O   1 
HETATM 708 O  O   . HOH B 2 .   ? 12.116  5.312   -5.408  1.00 11.41 ? 101 HOH A O   1 
HETATM 709 O  O   . HOH B 2 .   ? 7.433   9.308   -0.127  1.00 13.42 ? 102 HOH A O   1 
HETATM 710 O  O   . HOH B 2 .   ? -6.480  -1.071  13.638  1.00 9.47  ? 103 HOH A O   1 
HETATM 711 O  O   . HOH B 2 .   ? 9.665   6.430   -5.505  1.00 14.37 ? 104 HOH A O   1 
HETATM 712 O  O   . HOH B 2 .   ? -11.520 2.083   -3.956  1.00 15.71 ? 105 HOH A O   1 
HETATM 713 O  O   . HOH B 2 .   ? 1.545   8.116   7.963   1.00 21.44 ? 106 HOH A O   1 
HETATM 714 O  O   . HOH B 2 .   ? -10.565 7.168   9.110   1.00 25.43 ? 107 HOH A O   1 
HETATM 715 O  O   . HOH B 2 .   ? -1.250  -9.442  -0.680  1.00 20.80 ? 108 HOH A O   1 
HETATM 716 O  O   . HOH B 2 .   ? 9.772   -9.913  2.919   1.00 19.31 ? 109 HOH A O   1 
HETATM 717 O  O   . HOH B 2 .   ? 5.812   9.176   -2.330  1.00 22.04 ? 110 HOH A O   1 
HETATM 718 O  O   . HOH B 2 .   ? -9.360  1.300   -9.058  1.00 18.76 ? 111 HOH A O   1 
HETATM 719 O  O   . HOH B 2 .   ? 10.668  9.668   11.709  1.00 22.37 ? 112 HOH A O   1 
HETATM 720 O  O   . HOH B 2 .   ? 12.290  0.586   -4.533  1.00 22.94 ? 113 HOH A O   1 
HETATM 721 O  O   . HOH B 2 .   ? -12.270 11.151  2.922   1.00 10.03 ? 114 HOH A O   1 
HETATM 722 O  O   . HOH B 2 .   ? -2.140  9.762   10.164  1.00 18.95 ? 115 HOH A O   1 
HETATM 723 O  O   . HOH B 2 .   ? 4.532   -6.569  8.744   1.00 17.33 ? 116 HOH A O   1 
HETATM 724 O  O   . HOH B 2 .   ? -12.974 2.755   3.896   1.00 15.41 ? 117 HOH A O   1 
HETATM 725 O  O   . HOH B 2 .   ? -0.582  -9.405  -3.833  1.00 18.92 ? 118 HOH A O   1 
HETATM 726 O  O   . HOH B 2 .   ? -4.072  -10.227 8.496   1.00 23.52 ? 119 HOH A O   1 
HETATM 727 O  O   . HOH B 2 .   ? 10.201  6.720   11.415  1.00 24.66 ? 120 HOH A O   1 
HETATM 728 O  O   . HOH B 2 .   ? -8.096  10.583  0.515   1.00 9.89  ? 121 HOH A O   1 
HETATM 729 O  O   . HOH B 2 .   ? 7.229   -4.761  8.187   1.00 22.50 ? 122 HOH A O   1 
HETATM 730 O  O   . HOH B 2 .   ? -13.953 1.406   -2.134  1.00 20.79 ? 123 HOH A O   1 
HETATM 731 O  O   . HOH B 2 .   ? 2.929   10.845  -4.801  1.00 26.85 ? 124 HOH A O   1 
HETATM 732 O  O   . HOH B 2 .   ? -3.566  -10.082 -11.056 1.00 23.69 ? 125 HOH A O   1 
HETATM 733 O  O   . HOH B 2 .   ? 2.004   5.889   8.964   1.00 26.21 ? 126 HOH A O   1 
HETATM 734 O  O   . HOH B 2 .   ? 0.174   -12.390 -3.828  1.00 28.82 ? 127 HOH A O   1 
HETATM 735 O  O   . HOH B 2 .   ? -7.120  -7.312  -3.147  1.00 23.53 ? 128 HOH A O   1 
HETATM 736 O  O   . HOH B 2 .   ? 4.307   9.671   4.942   1.00 23.10 ? 129 HOH A O   1 
HETATM 737 O  O   . HOH B 2 .   ? -2.137  14.063  -7.404  1.00 29.91 ? 130 HOH A O   1 
HETATM 738 O  O   . HOH B 2 .   ? -0.903  -8.031  -17.124 1.00 23.22 ? 131 HOH A O   1 
HETATM 739 O  O   . HOH B 2 .   ? -10.521 9.237   -4.075  1.00 25.70 ? 132 HOH A O   1 
HETATM 740 O  O   . HOH B 2 .   ? 8.782   -1.824  9.332   1.00 35.38 ? 133 HOH A O   1 
HETATM 741 O  O   . HOH B 2 .   ? 6.485   -10.195 9.277   1.00 25.85 ? 134 HOH A O   1 
HETATM 742 O  O   . HOH B 2 .   ? 8.260   -5.096  -11.847 1.00 27.43 ? 135 HOH A O   1 
HETATM 743 O  O   . HOH B 2 .   ? -2.669  10.895  -9.803  1.00 30.23 ? 136 HOH A O   1 
HETATM 744 O  O   . HOH B 2 .   ? -5.030  11.558  12.745  1.00 33.96 ? 138 HOH A O   1 
HETATM 745 O  O   . HOH B 2 .   ? -15.912 -0.458  0.869   1.00 28.62 ? 139 HOH A O   1 
HETATM 746 O  O   . HOH B 2 .   ? 10.134  -1.048  -4.420  1.00 27.23 ? 140 HOH A O   1 
HETATM 747 O  O   . HOH B 2 .   ? 0.621   12.458  -3.442  1.00 13.52 ? 141 HOH A O   1 
HETATM 748 O  O   . HOH B 2 .   ? -7.506  8.224   -13.476 1.00 37.95 ? 143 HOH A O   1 
HETATM 749 O  O   . HOH B 2 .   ? 7.856   9.761   13.906  1.00 34.63 ? 144 HOH A O   1 
HETATM 750 O  O   . HOH B 2 .   ? 7.365   -3.578  -9.557  1.00 43.15 ? 145 HOH A O   1 
HETATM 751 O  O   . HOH B 2 .   ? 5.004   10.092  7.178   1.00 26.54 ? 146 HOH A O   1 
HETATM 752 O  O   . HOH B 2 .   ? -4.591  9.907   -8.621  1.00 38.82 ? 147 HOH A O   1 
HETATM 753 O  O   . HOH B 2 .   ? 10.152  -9.486  7.750   1.00 36.15 ? 148 HOH A O   1 
HETATM 754 O  O   . HOH B 2 .   ? -2.810  -12.336 5.669   1.00 36.01 ? 149 HOH A O   1 
HETATM 755 O  O   . HOH B 2 .   ? -14.008 0.899   11.379  1.00 38.27 ? 150 HOH A O   1 
HETATM 756 O  O   . HOH B 2 .   ? -7.280  2.976   -10.088 1.00 49.40 ? 151 HOH A O   1 
HETATM 757 O  O   . HOH B 2 .   ? 3.491   11.204  -1.577  1.00 31.98 ? 152 HOH A O   1 
HETATM 758 O  O   . HOH B 2 .   ? 9.458   3.794   12.782  1.00 25.30 ? 153 HOH A O   1 
HETATM 759 O  O   . HOH B 2 .   ? 9.579   2.306   12.753  1.00 18.27 ? 154 HOH A O   1 
# 
